data_4C6W
#
_entry.id   4C6W
#
_cell.length_a   74.180
_cell.length_b   89.050
_cell.length_c   183.470
_cell.angle_alpha   90.00
_cell.angle_beta   90.00
_cell.angle_gamma   90.00
#
_symmetry.space_group_name_H-M   'P 21 21 21'
#
loop_
_entity.id
_entity.type
_entity.pdbx_description
1 polymer '3-OXOACYL-[ACYL-CARRIER-PROTEIN] SYNTHASE 1'
2 non-polymer 'POTASSIUM ION'
3 non-polymer '(2R)-2-(hexadecanoyloxy)-3-{[(10R)-10-methyloctadecanoyl]oxy}propyl phosphate'
4 non-polymer '4-(2-HYDROXYETHYL)-1-PIPERAZINE ETHANESULFONIC ACID'
5 non-polymer DI(HYDROXYETHYL)ETHER
6 non-polymer 'SODIUM ION'
7 water water
#
_entity_poly.entity_id   1
_entity_poly.type   'polypeptide(L)'
_entity_poly.pdbx_seq_one_letter_code
;MGSSHHHHHHSSGLVPRGSHMASMSQPSTANGGFPSVVVTAVTATTSISPDIESTWKGLLAGESGIHALEDEFVTKWDLA
VKIGGHLKDPVDSHMGRLDMRRMSYVQRMGKLLGGQLWESAGSPEVDPDRFAVVVGTGLGGAERIVESYDLMNAGGPRKV
SPLAVQMIMPNGAAAVIGLQLGARAGVMTPVSAQSSGSEAIAHAWRQIVMGDADVAVCGGVEGPIEALPIAAFSMMRAMS
TRNDEPERASRPFDKDRDGFVFGEAGALMLIETEEHAKARGAKPLARLLGAGITSDAFHMVAPAADGVRAGRAMTRSLEL
AGLSPADIDHVNAHGTATPIGDAAEANAIRVAGCDQAAVYAPKSALGHSIGAVGALESVLTVLTLRDGVIPPTLNYETPD
PEIDLDVVAGEPRYGDYRYAVNNSFGFGGHNVALAFGRY
;
_entity_poly.pdbx_strand_id   A,B
#
loop_
_chem_comp.id
_chem_comp.type
_chem_comp.name
_chem_comp.formula
EPE non-polymer '4-(2-HYDROXYETHYL)-1-PIPERAZINE ETHANESULFONIC ACID' 'C8 H18 N2 O4 S'
K non-polymer 'POTASSIUM ION' 'K 1'
M7U non-polymer '(2R)-2-(hexadecanoyloxy)-3-{[(10R)-10-methyloctadecanoyl]oxy}propyl phosphate' 'C38 H75 O8 P'
NA non-polymer 'SODIUM ION' 'Na 1'
PEG non-polymer DI(HYDROXYETHYL)ETHER 'C4 H10 O3'
#
# COMPACT_ATOMS: atom_id res chain seq x y z
N GLN A 26 -20.82 19.91 4.52
CA GLN A 26 -19.87 18.77 4.25
C GLN A 26 -20.61 17.57 3.69
N PRO A 27 -20.06 16.93 2.63
CA PRO A 27 -20.79 15.80 2.04
C PRO A 27 -20.83 14.57 2.96
N SER A 28 -21.95 13.87 2.91
CA SER A 28 -22.07 12.54 3.52
C SER A 28 -22.92 11.67 2.60
N THR A 29 -22.93 10.37 2.86
CA THR A 29 -23.77 9.50 2.07
C THR A 29 -25.23 9.85 2.34
N ALA A 30 -25.59 10.06 3.60
CA ALA A 30 -27.02 10.34 3.88
C ALA A 30 -27.50 11.61 3.23
N ASN A 31 -26.61 12.59 3.08
CA ASN A 31 -27.07 13.90 2.59
C ASN A 31 -26.91 14.00 1.06
N GLY A 32 -26.48 12.91 0.44
CA GLY A 32 -26.35 12.85 -1.01
C GLY A 32 -25.08 13.48 -1.56
N GLY A 33 -24.20 13.97 -0.70
CA GLY A 33 -22.92 14.55 -1.14
C GLY A 33 -21.97 13.45 -1.64
N PHE A 34 -22.17 12.20 -1.23
CA PHE A 34 -21.46 11.10 -1.90
C PHE A 34 -22.50 10.26 -2.60
N PRO A 35 -22.13 9.62 -3.71
CA PRO A 35 -23.09 8.68 -4.28
C PRO A 35 -23.28 7.46 -3.40
N SER A 36 -24.45 6.84 -3.50
CA SER A 36 -24.73 5.61 -2.80
C SER A 36 -23.90 4.47 -3.40
N VAL A 37 -23.26 3.66 -2.55
CA VAL A 37 -22.38 2.60 -2.99
C VAL A 37 -22.94 1.35 -2.32
N VAL A 38 -23.11 0.28 -3.10
CA VAL A 38 -23.68 -0.97 -2.60
C VAL A 38 -22.71 -2.14 -2.80
N VAL A 39 -22.87 -3.18 -1.96
CA VAL A 39 -22.08 -4.38 -2.09
C VAL A 39 -22.95 -5.35 -2.87
N THR A 40 -22.47 -5.87 -4.00
CA THR A 40 -23.33 -6.70 -4.86
C THR A 40 -22.85 -8.17 -4.99
N ALA A 41 -21.67 -8.50 -4.47
CA ALA A 41 -21.25 -9.90 -4.43
C ALA A 41 -20.11 -10.04 -3.44
N VAL A 42 -19.98 -11.23 -2.86
CA VAL A 42 -18.89 -11.49 -1.88
C VAL A 42 -18.34 -12.90 -2.16
N THR A 43 -17.06 -13.10 -1.85
CA THR A 43 -16.43 -14.42 -1.97
CA THR A 43 -16.49 -14.44 -1.89
C THR A 43 -15.38 -14.53 -0.88
N ALA A 44 -15.26 -15.70 -0.28
CA ALA A 44 -14.16 -15.88 0.67
C ALA A 44 -13.79 -17.34 0.76
N THR A 45 -12.53 -17.60 1.12
CA THR A 45 -12.12 -18.97 1.43
C THR A 45 -11.61 -18.95 2.87
N THR A 46 -12.03 -19.91 3.71
CA THR A 46 -11.67 -19.84 5.11
C THR A 46 -11.30 -21.24 5.65
N SER A 47 -11.01 -21.28 6.94
CA SER A 47 -10.71 -22.54 7.62
C SER A 47 -11.96 -23.40 7.82
N ILE A 48 -13.15 -22.82 7.70
CA ILE A 48 -14.40 -23.58 7.76
C ILE A 48 -14.84 -24.16 6.41
N SER A 49 -14.69 -23.37 5.35
CA SER A 49 -15.23 -23.74 4.04
C SER A 49 -14.60 -22.92 2.92
N PRO A 50 -14.62 -23.48 1.68
CA PRO A 50 -14.25 -22.56 0.58
C PRO A 50 -15.39 -21.68 0.10
N ASP A 51 -16.61 -21.92 0.60
CA ASP A 51 -17.82 -21.27 0.11
CA ASP A 51 -17.79 -21.23 0.09
C ASP A 51 -18.23 -20.30 1.23
N ILE A 52 -18.24 -18.98 0.98
CA ILE A 52 -18.68 -18.01 2.01
C ILE A 52 -20.05 -18.34 2.61
N GLU A 53 -21.02 -18.80 1.81
CA GLU A 53 -22.34 -19.10 2.37
C GLU A 53 -22.27 -20.26 3.36
N SER A 54 -21.41 -21.24 3.09
CA SER A 54 -21.21 -22.35 4.01
C SER A 54 -20.42 -21.97 5.25
N THR A 55 -19.39 -21.15 5.09
CA THR A 55 -18.72 -20.55 6.23
C THR A 55 -19.76 -19.87 7.13
N TRP A 56 -20.64 -19.08 6.52
CA TRP A 56 -21.64 -18.34 7.30
C TRP A 56 -22.56 -19.28 8.05
N LYS A 57 -23.06 -20.33 7.37
CA LYS A 57 -23.94 -21.26 8.06
C LYS A 57 -23.18 -21.92 9.20
N GLY A 58 -21.93 -22.27 8.93
CA GLY A 58 -21.07 -22.85 9.95
C GLY A 58 -20.91 -21.97 11.19
N LEU A 59 -20.57 -20.71 10.97
CA LEU A 59 -20.47 -19.75 12.07
C LEU A 59 -21.74 -19.69 12.92
N LEU A 60 -22.88 -19.62 12.25
CA LEU A 60 -24.16 -19.53 12.95
C LEU A 60 -24.46 -20.78 13.79
N ALA A 61 -23.91 -21.93 13.35
CA ALA A 61 -24.08 -23.19 14.05
C ALA A 61 -23.03 -23.40 15.14
N GLY A 62 -22.17 -22.40 15.32
CA GLY A 62 -21.13 -22.46 16.34
C GLY A 62 -19.86 -23.21 15.96
N GLU A 63 -19.63 -23.39 14.66
CA GLU A 63 -18.44 -24.12 14.24
C GLU A 63 -17.16 -23.29 14.42
N SER A 64 -16.06 -23.98 14.70
CA SER A 64 -14.72 -23.37 14.74
C SER A 64 -13.87 -23.92 13.61
N GLY A 65 -12.94 -23.14 13.08
CA GLY A 65 -12.06 -23.59 11.99
C GLY A 65 -10.71 -23.97 12.58
N ILE A 66 -10.56 -23.86 13.91
CA ILE A 66 -9.22 -23.92 14.54
C ILE A 66 -8.95 -25.37 15.00
N HIS A 67 -7.80 -25.94 14.62
CA HIS A 67 -7.52 -27.35 14.95
C HIS A 67 -6.07 -27.50 15.35
N ALA A 68 -5.69 -28.69 15.84
CA ALA A 68 -4.26 -28.97 16.05
C ALA A 68 -3.59 -28.86 14.69
N LEU A 69 -2.42 -28.23 14.62
CA LEU A 69 -1.68 -28.26 13.36
C LEU A 69 -1.02 -29.60 13.18
N GLU A 70 -1.21 -30.25 12.01
CA GLU A 70 -0.51 -31.51 11.79
C GLU A 70 0.73 -31.41 10.90
N ASP A 71 1.12 -30.20 10.54
CA ASP A 71 2.22 -30.02 9.60
C ASP A 71 3.50 -30.56 10.25
N GLU A 72 4.33 -31.16 9.41
CA GLU A 72 5.59 -31.69 9.87
CA GLU A 72 5.65 -31.66 9.77
C GLU A 72 6.48 -30.55 10.40
N PHE A 73 6.29 -29.33 9.93
CA PHE A 73 7.13 -28.25 10.43
C PHE A 73 6.94 -28.00 11.93
N VAL A 74 5.77 -28.38 12.46
CA VAL A 74 5.52 -28.12 13.88
C VAL A 74 6.48 -28.96 14.73
N THR A 75 6.57 -30.25 14.39
CA THR A 75 7.45 -31.12 15.14
C THR A 75 8.92 -30.89 14.80
N LYS A 76 9.20 -30.55 13.53
CA LYS A 76 10.58 -30.33 13.08
C LYS A 76 11.22 -29.25 13.96
N TRP A 77 10.46 -28.18 14.25
CA TRP A 77 11.02 -27.08 15.02
C TRP A 77 10.60 -27.09 16.48
N ASP A 78 9.75 -28.03 16.88
CA ASP A 78 9.04 -28.01 18.17
C ASP A 78 8.45 -26.63 18.51
N LEU A 79 7.63 -26.10 17.60
CA LEU A 79 7.03 -24.77 17.79
C LEU A 79 6.20 -24.69 19.08
N ALA A 80 6.23 -23.53 19.72
CA ALA A 80 5.45 -23.29 20.94
C ALA A 80 3.96 -23.24 20.65
N VAL A 81 3.63 -22.80 19.43
CA VAL A 81 2.26 -22.69 18.94
C VAL A 81 2.00 -23.91 18.06
N LYS A 82 0.96 -24.69 18.39
CA LYS A 82 0.69 -25.95 17.69
C LYS A 82 -0.76 -26.03 17.20
N ILE A 83 -1.39 -24.86 17.05
CA ILE A 83 -2.82 -24.76 16.69
C ILE A 83 -3.00 -23.70 15.59
N GLY A 84 -4.07 -23.84 14.82
CA GLY A 84 -4.40 -22.83 13.79
C GLY A 84 -5.44 -23.40 12.86
N GLY A 85 -5.93 -22.56 11.93
CA GLY A 85 -6.90 -23.03 10.96
C GLY A 85 -6.35 -22.90 9.55
N HIS A 86 -5.93 -24.01 8.97
CA HIS A 86 -5.61 -24.01 7.51
C HIS A 86 -6.91 -23.90 6.72
N LEU A 87 -6.86 -23.40 5.48
CA LEU A 87 -8.05 -23.42 4.63
C LEU A 87 -8.61 -24.82 4.52
N LYS A 88 -9.92 -24.87 4.60
CA LYS A 88 -10.65 -26.14 4.42
CA LYS A 88 -10.65 -26.14 4.42
C LYS A 88 -10.33 -26.73 3.04
N ASP A 89 -10.23 -25.87 2.04
CA ASP A 89 -9.95 -26.27 0.66
C ASP A 89 -8.74 -25.49 0.18
N PRO A 90 -7.56 -26.13 0.15
CA PRO A 90 -6.30 -25.42 -0.20
C PRO A 90 -6.37 -24.72 -1.57
N VAL A 91 -5.94 -23.46 -1.62
CA VAL A 91 -5.86 -22.76 -2.91
C VAL A 91 -5.20 -23.59 -4.02
N ASP A 92 -4.09 -24.25 -3.70
CA ASP A 92 -3.34 -24.92 -4.77
C ASP A 92 -4.04 -26.18 -5.29
N SER A 93 -5.15 -26.61 -4.69
CA SER A 93 -5.90 -27.74 -5.29
CA SER A 93 -5.94 -27.72 -5.26
C SER A 93 -6.61 -27.28 -6.55
N HIS A 94 -6.63 -25.96 -6.79
CA HIS A 94 -7.31 -25.39 -7.95
C HIS A 94 -6.31 -24.82 -8.97
N MET A 95 -5.02 -25.03 -8.75
CA MET A 95 -4.05 -24.28 -9.54
C MET A 95 -3.30 -25.20 -10.52
N GLY A 96 -3.17 -24.76 -11.78
CA GLY A 96 -2.32 -25.47 -12.76
C GLY A 96 -0.82 -25.38 -12.45
N ARG A 97 -0.05 -26.19 -13.15
CA ARG A 97 1.37 -26.32 -12.85
C ARG A 97 2.15 -25.07 -13.20
N LEU A 98 1.74 -24.37 -14.26
CA LEU A 98 2.40 -23.11 -14.59
C LEU A 98 2.18 -22.07 -13.49
N ASP A 99 0.94 -21.90 -13.02
CA ASP A 99 0.69 -20.93 -11.95
C ASP A 99 1.48 -21.28 -10.71
N MET A 100 1.62 -22.57 -10.42
CA MET A 100 2.31 -22.92 -9.19
C MET A 100 3.77 -22.48 -9.25
N ARG A 101 4.33 -22.37 -10.45
CA ARG A 101 5.70 -21.89 -10.61
C ARG A 101 5.86 -20.42 -10.92
N ARG A 102 4.85 -19.78 -11.51
CA ARG A 102 5.03 -18.41 -12.01
C ARG A 102 4.16 -17.36 -11.34
N MET A 103 3.45 -17.77 -10.28
CA MET A 103 2.72 -16.85 -9.40
C MET A 103 3.17 -17.11 -7.96
N SER A 104 3.21 -16.06 -7.12
CA SER A 104 3.32 -16.29 -5.69
C SER A 104 1.99 -16.79 -5.11
N TYR A 105 2.01 -17.33 -3.89
CA TYR A 105 0.82 -17.89 -3.27
C TYR A 105 -0.31 -16.82 -3.25
N VAL A 106 0.02 -15.59 -2.83
CA VAL A 106 -1.07 -14.59 -2.71
C VAL A 106 -1.65 -14.29 -4.09
N GLN A 107 -0.80 -14.31 -5.13
CA GLN A 107 -1.34 -14.14 -6.47
C GLN A 107 -2.29 -15.27 -6.85
N ARG A 108 -1.88 -16.50 -6.55
CA ARG A 108 -2.78 -17.65 -6.82
C ARG A 108 -4.09 -17.51 -6.09
N MET A 109 -4.00 -17.12 -4.81
CA MET A 109 -5.24 -16.87 -4.06
C MET A 109 -6.08 -15.76 -4.72
N GLY A 110 -5.44 -14.70 -5.18
CA GLY A 110 -6.13 -13.57 -5.81
C GLY A 110 -6.81 -14.07 -7.10
N LYS A 111 -6.10 -14.87 -7.90
CA LYS A 111 -6.66 -15.33 -9.16
C LYS A 111 -7.91 -16.21 -8.89
N LEU A 112 -7.79 -17.09 -7.90
CA LEU A 112 -8.90 -18.03 -7.58
C LEU A 112 -10.13 -17.22 -7.09
N LEU A 113 -9.90 -16.31 -6.13
CA LEU A 113 -11.01 -15.57 -5.53
C LEU A 113 -11.57 -14.54 -6.54
N GLY A 114 -10.73 -13.91 -7.35
CA GLY A 114 -11.27 -12.89 -8.27
C GLY A 114 -12.15 -13.60 -9.28
N GLY A 115 -11.72 -14.76 -9.77
CA GLY A 115 -12.54 -15.50 -10.75
C GLY A 115 -13.84 -15.95 -10.11
N GLN A 116 -13.79 -16.43 -8.87
CA GLN A 116 -15.00 -16.87 -8.21
C GLN A 116 -15.97 -15.70 -8.03
N LEU A 117 -15.47 -14.58 -7.51
CA LEU A 117 -16.30 -13.38 -7.30
C LEU A 117 -16.98 -12.95 -8.59
N TRP A 118 -16.22 -12.87 -9.68
CA TRP A 118 -16.77 -12.39 -10.95
C TRP A 118 -17.93 -13.28 -11.45
N GLU A 119 -17.78 -14.60 -11.32
CA GLU A 119 -18.79 -15.59 -11.68
C GLU A 119 -19.99 -15.38 -10.78
N SER A 120 -19.76 -15.12 -9.49
CA SER A 120 -20.89 -14.96 -8.55
C SER A 120 -21.73 -13.75 -8.88
N ALA A 121 -21.06 -12.75 -9.42
CA ALA A 121 -21.67 -11.47 -9.77
C ALA A 121 -22.41 -11.55 -11.11
N GLY A 122 -22.36 -12.70 -11.75
CA GLY A 122 -22.95 -12.89 -13.07
C GLY A 122 -22.05 -12.47 -14.22
N SER A 123 -20.75 -12.40 -13.98
CA SER A 123 -19.73 -11.95 -14.96
C SER A 123 -20.18 -10.69 -15.72
N PRO A 124 -20.39 -9.60 -14.98
CA PRO A 124 -20.97 -8.42 -15.62
C PRO A 124 -20.04 -7.79 -16.66
N GLU A 125 -20.61 -7.07 -17.62
CA GLU A 125 -19.80 -6.50 -18.68
C GLU A 125 -19.72 -5.03 -18.28
N VAL A 126 -18.67 -4.70 -17.55
CA VAL A 126 -18.57 -3.34 -17.05
C VAL A 126 -17.67 -2.54 -17.96
N ASP A 127 -17.63 -1.23 -17.78
CA ASP A 127 -16.71 -0.41 -18.54
C ASP A 127 -15.36 -0.53 -17.86
N PRO A 128 -14.38 -1.10 -18.55
CA PRO A 128 -13.07 -1.28 -17.89
C PRO A 128 -12.53 0.04 -17.37
N ASP A 129 -12.83 1.16 -18.04
CA ASP A 129 -12.25 2.45 -17.66
C ASP A 129 -12.92 3.03 -16.39
N ARG A 130 -13.98 2.38 -15.90
CA ARG A 130 -14.62 2.81 -14.67
C ARG A 130 -14.54 1.73 -13.60
N PHE A 131 -13.63 0.76 -13.78
CA PHE A 131 -13.56 -0.43 -12.92
C PHE A 131 -12.18 -0.46 -12.24
N ALA A 132 -12.13 -0.42 -10.90
CA ALA A 132 -10.90 -0.38 -10.10
C ALA A 132 -10.78 -1.68 -9.29
N VAL A 133 -9.56 -1.99 -8.87
CA VAL A 133 -9.35 -3.12 -7.98
C VAL A 133 -8.54 -2.57 -6.81
N VAL A 134 -8.89 -2.95 -5.58
CA VAL A 134 -8.06 -2.52 -4.43
C VAL A 134 -7.96 -3.73 -3.51
N VAL A 135 -6.76 -4.31 -3.41
CA VAL A 135 -6.57 -5.53 -2.61
C VAL A 135 -5.37 -5.35 -1.67
N GLY A 136 -5.57 -5.48 -0.37
CA GLY A 136 -4.51 -5.36 0.63
C GLY A 136 -3.92 -6.75 0.89
N THR A 137 -2.72 -6.75 1.44
CA THR A 137 -2.10 -8.01 1.90
C THR A 137 -1.05 -7.60 2.93
N GLY A 138 -0.59 -8.53 3.78
CA GLY A 138 0.33 -8.11 4.84
C GLY A 138 1.77 -7.99 4.33
N LEU A 139 2.16 -8.84 3.38
CA LEU A 139 3.57 -8.86 2.97
C LEU A 139 3.79 -8.96 1.44
N GLY A 140 3.11 -9.92 0.80
CA GLY A 140 3.25 -10.08 -0.68
C GLY A 140 3.86 -11.47 -0.92
N GLY A 141 4.59 -11.63 -2.02
CA GLY A 141 5.10 -12.95 -2.46
C GLY A 141 6.40 -13.34 -1.78
N ALA A 142 6.42 -13.34 -0.45
CA ALA A 142 7.67 -13.38 0.27
C ALA A 142 8.36 -14.73 0.17
N GLU A 143 7.60 -15.82 -0.10
CA GLU A 143 8.25 -17.14 -0.25
C GLU A 143 9.18 -17.10 -1.48
N ARG A 144 8.87 -16.24 -2.44
CA ARG A 144 9.73 -16.12 -3.62
C ARG A 144 11.00 -15.31 -3.37
N ILE A 145 11.00 -14.50 -2.32
CA ILE A 145 12.24 -13.84 -1.86
C ILE A 145 13.18 -14.90 -1.34
N VAL A 146 12.72 -15.69 -0.39
CA VAL A 146 13.62 -16.75 0.17
C VAL A 146 14.00 -17.76 -0.91
N GLU A 147 13.11 -18.09 -1.83
CA GLU A 147 13.44 -19.03 -2.91
CA GLU A 147 13.47 -19.07 -2.86
C GLU A 147 14.54 -18.47 -3.80
N SER A 148 14.39 -17.19 -4.17
CA SER A 148 15.38 -16.53 -5.07
C SER A 148 16.75 -16.42 -4.38
N TYR A 149 16.72 -16.09 -3.10
CA TYR A 149 17.93 -16.01 -2.29
C TYR A 149 18.64 -17.36 -2.25
N ASP A 150 17.92 -18.46 -1.96
CA ASP A 150 18.55 -19.78 -1.98
C ASP A 150 19.06 -20.21 -3.38
N LEU A 151 18.29 -19.89 -4.42
CA LEU A 151 18.68 -20.30 -5.78
C LEU A 151 19.98 -19.58 -6.16
N MET A 152 20.04 -18.29 -5.85
CA MET A 152 21.24 -17.52 -6.19
C MET A 152 22.45 -17.98 -5.36
N ASN A 153 22.19 -18.25 -4.08
CA ASN A 153 23.31 -18.66 -3.22
C ASN A 153 23.90 -19.96 -3.70
N ALA A 154 23.03 -20.83 -4.20
CA ALA A 154 23.49 -22.15 -4.64
C ALA A 154 24.06 -22.11 -6.05
N GLY A 155 23.57 -21.24 -6.92
CA GLY A 155 23.84 -21.39 -8.34
C GLY A 155 24.29 -20.13 -9.05
N GLY A 156 24.28 -18.99 -8.36
CA GLY A 156 24.64 -17.72 -9.00
C GLY A 156 23.44 -16.91 -9.50
N PRO A 157 23.68 -15.66 -9.91
CA PRO A 157 22.61 -14.72 -10.24
C PRO A 157 21.75 -15.15 -11.42
N ARG A 158 22.26 -15.95 -12.38
CA ARG A 158 21.48 -16.38 -13.52
C ARG A 158 20.52 -17.55 -13.25
N LYS A 159 20.42 -17.94 -11.98
CA LYS A 159 19.48 -18.96 -11.54
C LYS A 159 18.18 -18.36 -10.97
N VAL A 160 18.15 -17.02 -10.81
CA VAL A 160 16.99 -16.37 -10.23
C VAL A 160 15.94 -16.34 -11.35
N SER A 161 14.67 -16.58 -11.01
CA SER A 161 13.66 -16.59 -12.07
C SER A 161 13.48 -15.22 -12.73
N PRO A 162 13.26 -15.19 -14.05
CA PRO A 162 12.83 -13.94 -14.74
C PRO A 162 11.48 -13.43 -14.28
N LEU A 163 10.71 -14.30 -13.61
CA LEU A 163 9.41 -13.86 -13.08
C LEU A 163 9.47 -13.49 -11.60
N ALA A 164 10.67 -13.54 -10.98
CA ALA A 164 10.81 -13.24 -9.53
C ALA A 164 10.27 -11.87 -9.15
N VAL A 165 10.63 -10.80 -9.88
CA VAL A 165 10.10 -9.48 -9.48
C VAL A 165 8.59 -9.45 -9.45
N GLN A 166 7.95 -9.91 -10.51
CA GLN A 166 6.50 -9.74 -10.57
C GLN A 166 5.78 -10.63 -9.55
N MET A 167 6.39 -11.77 -9.17
CA MET A 167 5.82 -12.63 -8.11
C MET A 167 6.03 -12.03 -6.73
N ILE A 168 7.13 -11.32 -6.55
CA ILE A 168 7.51 -10.80 -5.20
C ILE A 168 6.77 -9.48 -4.86
N MET A 169 6.67 -8.60 -5.84
CA MET A 169 6.22 -7.21 -5.57
C MET A 169 4.87 -7.24 -4.86
N PRO A 170 4.74 -6.46 -3.79
CA PRO A 170 3.60 -6.69 -2.90
C PRO A 170 2.26 -6.23 -3.54
N ASN A 171 2.35 -5.43 -4.60
CA ASN A 171 1.17 -5.10 -5.43
C ASN A 171 0.80 -6.24 -6.39
N GLY A 172 1.51 -7.37 -6.36
CA GLY A 172 1.37 -8.46 -7.35
C GLY A 172 -0.02 -9.07 -7.35
N ALA A 173 -0.58 -9.34 -6.16
CA ALA A 173 -1.91 -9.98 -6.16
C ALA A 173 -3.01 -9.06 -6.77
N ALA A 174 -3.00 -7.79 -6.35
CA ALA A 174 -3.96 -6.83 -6.92
C ALA A 174 -3.77 -6.68 -8.42
N ALA A 175 -2.50 -6.68 -8.85
CA ALA A 175 -2.20 -6.53 -10.25
C ALA A 175 -2.69 -7.75 -11.05
N VAL A 176 -2.51 -8.96 -10.49
CA VAL A 176 -3.02 -10.19 -11.17
C VAL A 176 -4.54 -10.10 -11.35
N ILE A 177 -5.23 -9.67 -10.28
CA ILE A 177 -6.70 -9.57 -10.33
C ILE A 177 -7.12 -8.48 -11.29
N GLY A 178 -6.38 -7.39 -11.30
CA GLY A 178 -6.75 -6.30 -12.22
C GLY A 178 -6.56 -6.69 -13.68
N LEU A 179 -5.49 -7.41 -13.95
CA LEU A 179 -5.29 -7.86 -15.34
C LEU A 179 -6.32 -8.92 -15.74
N GLN A 180 -6.57 -9.86 -14.84
CA GLN A 180 -7.58 -10.95 -15.07
C GLN A 180 -8.97 -10.42 -15.37
N LEU A 181 -9.40 -9.46 -14.57
CA LEU A 181 -10.79 -8.97 -14.72
C LEU A 181 -10.91 -7.75 -15.63
N GLY A 182 -9.78 -7.12 -15.96
CA GLY A 182 -9.80 -6.01 -16.90
C GLY A 182 -10.03 -4.63 -16.26
N ALA A 183 -9.44 -4.37 -15.09
CA ALA A 183 -9.74 -3.10 -14.37
C ALA A 183 -8.76 -2.02 -14.85
N ARG A 184 -9.28 -0.93 -15.41
CA ARG A 184 -8.40 0.15 -15.91
C ARG A 184 -8.62 1.47 -15.19
N ALA A 185 -9.38 1.48 -14.08
CA ALA A 185 -9.57 2.72 -13.31
C ALA A 185 -8.75 2.72 -12.04
N GLY A 186 -7.68 1.92 -12.03
CA GLY A 186 -6.70 1.92 -10.90
C GLY A 186 -6.65 0.58 -10.22
N VAL A 187 -5.44 0.14 -9.86
CA VAL A 187 -5.22 -1.11 -9.10
C VAL A 187 -4.27 -0.75 -7.95
N MET A 188 -4.83 -0.77 -6.75
CA MET A 188 -4.20 -0.23 -5.56
CA MET A 188 -4.24 -0.21 -5.53
C MET A 188 -4.03 -1.33 -4.51
N THR A 189 -2.91 -1.24 -3.78
CA THR A 189 -2.60 -2.16 -2.69
C THR A 189 -2.21 -1.32 -1.49
N PRO A 190 -3.12 -1.13 -0.50
CA PRO A 190 -2.73 -0.43 0.72
C PRO A 190 -2.18 -1.47 1.69
N VAL A 191 -1.04 -1.20 2.29
CA VAL A 191 -0.53 -2.14 3.27
CA VAL A 191 -0.49 -2.12 3.26
C VAL A 191 -0.51 -1.49 4.66
N SER A 192 -1.21 -2.13 5.60
CA SER A 192 -1.29 -1.60 6.95
C SER A 192 -1.38 -2.86 7.86
N ALA A 193 -0.60 -3.89 7.54
CA ALA A 193 -0.51 -5.08 8.38
C ALA A 193 -1.93 -5.60 8.63
N GLN A 194 -2.34 -5.77 9.90
CA GLN A 194 -3.59 -6.51 10.11
C GLN A 194 -4.85 -5.71 9.75
N SER A 195 -4.69 -4.42 9.41
CA SER A 195 -5.88 -3.68 8.92
C SER A 195 -5.94 -3.59 7.37
N SER A 196 -5.02 -4.23 6.67
CA SER A 196 -4.91 -4.00 5.20
C SER A 196 -6.20 -4.32 4.48
N GLY A 197 -6.86 -5.41 4.88
CA GLY A 197 -8.04 -5.89 4.12
C GLY A 197 -9.23 -4.96 4.19
N SER A 198 -9.38 -4.34 5.37
CA SER A 198 -10.38 -3.28 5.52
C SER A 198 -9.92 -2.00 4.82
N GLU A 199 -8.65 -1.64 4.95
CA GLU A 199 -8.17 -0.43 4.33
C GLU A 199 -8.42 -0.50 2.79
N ALA A 200 -8.29 -1.68 2.19
CA ALA A 200 -8.53 -1.83 0.76
C ALA A 200 -9.97 -1.46 0.39
N ILE A 201 -10.92 -1.93 1.21
CA ILE A 201 -12.30 -1.56 0.94
C ILE A 201 -12.50 -0.06 1.14
N ALA A 202 -11.91 0.50 2.19
CA ALA A 202 -11.98 1.97 2.36
C ALA A 202 -11.46 2.70 1.11
N HIS A 203 -10.28 2.33 0.58
CA HIS A 203 -9.81 3.09 -0.57
C HIS A 203 -10.66 2.87 -1.82
N ALA A 204 -11.21 1.67 -1.95
CA ALA A 204 -12.15 1.43 -3.08
C ALA A 204 -13.37 2.33 -2.99
N TRP A 205 -13.91 2.46 -1.79
CA TRP A 205 -15.04 3.36 -1.57
C TRP A 205 -14.60 4.77 -1.93
N ARG A 206 -13.40 5.21 -1.52
CA ARG A 206 -12.95 6.55 -1.88
C ARG A 206 -12.84 6.74 -3.40
N GLN A 207 -12.39 5.69 -4.08
CA GLN A 207 -12.13 5.76 -5.52
C GLN A 207 -13.47 5.93 -6.23
N ILE A 208 -14.52 5.34 -5.67
CA ILE A 208 -15.85 5.54 -6.28
C ILE A 208 -16.47 6.89 -5.92
N VAL A 209 -16.47 7.25 -4.64
CA VAL A 209 -17.14 8.52 -4.28
C VAL A 209 -16.40 9.76 -4.80
N MET A 210 -15.10 9.67 -5.11
CA MET A 210 -14.35 10.78 -5.69
CA MET A 210 -14.41 10.81 -5.68
C MET A 210 -14.55 10.85 -7.21
N GLY A 211 -15.19 9.82 -7.74
CA GLY A 211 -15.60 9.86 -9.15
C GLY A 211 -14.65 9.15 -10.10
N ASP A 212 -13.64 8.48 -9.55
CA ASP A 212 -12.67 7.78 -10.41
C ASP A 212 -13.12 6.41 -10.89
N ALA A 213 -14.14 5.83 -10.25
CA ALA A 213 -14.62 4.51 -10.70
C ALA A 213 -16.11 4.39 -10.35
N ASP A 214 -16.82 3.49 -11.01
CA ASP A 214 -18.22 3.16 -10.70
C ASP A 214 -18.37 1.80 -10.09
N VAL A 215 -17.31 0.97 -10.14
CA VAL A 215 -17.34 -0.43 -9.71
C VAL A 215 -15.93 -0.79 -9.27
N ALA A 216 -15.82 -1.59 -8.21
CA ALA A 216 -14.53 -2.01 -7.76
C ALA A 216 -14.59 -3.41 -7.16
N VAL A 217 -13.52 -4.17 -7.40
CA VAL A 217 -13.28 -5.43 -6.63
C VAL A 217 -12.34 -5.07 -5.52
N CYS A 218 -12.67 -5.45 -4.28
CA CYS A 218 -11.78 -5.03 -3.20
C CYS A 218 -11.77 -6.09 -2.10
N GLY A 219 -10.70 -6.10 -1.32
CA GLY A 219 -10.65 -7.00 -0.16
C GLY A 219 -9.20 -7.30 0.17
N GLY A 220 -8.91 -8.55 0.51
CA GLY A 220 -7.56 -8.84 1.07
C GLY A 220 -7.23 -10.29 0.85
N VAL A 221 -5.95 -10.58 0.60
CA VAL A 221 -5.43 -11.96 0.58
C VAL A 221 -4.20 -12.08 1.48
N GLU A 222 -3.85 -13.32 1.83
CA GLU A 222 -2.76 -13.50 2.77
C GLU A 222 -2.23 -14.91 2.56
N GLY A 223 -0.98 -15.08 2.96
CA GLY A 223 -0.34 -16.40 2.86
C GLY A 223 -0.86 -17.39 3.91
N PRO A 224 -0.40 -18.65 3.80
CA PRO A 224 -0.83 -19.71 4.72
C PRO A 224 0.06 -19.74 5.97
N ILE A 225 -0.38 -20.55 6.96
CA ILE A 225 0.37 -20.75 8.18
C ILE A 225 1.65 -21.53 7.83
N GLU A 226 2.81 -21.03 8.26
CA GLU A 226 4.09 -21.74 8.02
C GLU A 226 4.95 -21.48 9.24
N ALA A 227 6.11 -22.15 9.24
CA ALA A 227 6.95 -22.17 10.46
C ALA A 227 7.55 -20.79 10.76
N LEU A 228 8.06 -20.08 9.76
CA LEU A 228 8.71 -18.79 10.03
C LEU A 228 7.72 -17.68 10.46
N PRO A 229 6.54 -17.60 9.82
CA PRO A 229 5.51 -16.67 10.35
C PRO A 229 5.15 -17.01 11.81
N ILE A 230 4.99 -18.30 12.14
CA ILE A 230 4.70 -18.61 13.53
C ILE A 230 5.86 -18.26 14.48
N ALA A 231 7.10 -18.51 14.07
CA ALA A 231 8.24 -18.16 14.92
C ALA A 231 8.23 -16.64 15.18
N ALA A 232 8.07 -15.84 14.13
CA ALA A 232 8.18 -14.36 14.26
C ALA A 232 7.08 -13.83 15.19
N PHE A 233 5.84 -14.24 14.96
CA PHE A 233 4.78 -13.74 15.85
C PHE A 233 4.87 -14.29 17.28
N SER A 234 5.22 -15.59 17.41
CA SER A 234 5.42 -16.25 18.70
C SER A 234 6.46 -15.48 19.50
N MET A 235 7.55 -15.03 18.83
CA MET A 235 8.66 -14.39 19.58
C MET A 235 8.26 -13.00 20.08
N MET A 236 7.16 -12.48 19.56
CA MET A 236 6.46 -11.30 20.07
CA MET A 236 6.62 -11.27 20.20
C MET A 236 5.59 -11.58 21.26
N ARG A 237 5.42 -12.86 21.58
CA ARG A 237 4.55 -13.33 22.67
C ARG A 237 3.11 -12.87 22.44
N ALA A 238 2.69 -12.78 21.17
CA ALA A 238 1.34 -12.28 20.81
C ALA A 238 0.31 -13.42 20.63
N MET A 239 0.78 -14.67 20.63
CA MET A 239 -0.04 -15.79 20.17
C MET A 239 -0.51 -16.64 21.35
N SER A 240 -1.74 -17.16 21.23
CA SER A 240 -2.20 -18.20 22.17
C SER A 240 -1.31 -19.44 22.11
N THR A 241 -1.03 -20.04 23.27
CA THR A 241 -0.41 -21.35 23.27
C THR A 241 -1.28 -22.40 23.96
N ARG A 242 -2.60 -22.21 23.93
CA ARG A 242 -3.53 -23.20 24.46
CA ARG A 242 -3.54 -23.20 24.46
C ARG A 242 -3.67 -24.41 23.53
N ASN A 243 -2.61 -25.20 23.44
CA ASN A 243 -2.55 -26.21 22.39
C ASN A 243 -3.40 -27.43 22.68
N ASP A 244 -3.68 -27.67 23.96
CA ASP A 244 -4.53 -28.73 24.51
CA ASP A 244 -4.46 -28.86 24.30
C ASP A 244 -5.93 -28.77 23.91
N GLU A 245 -6.46 -27.57 23.65
CA GLU A 245 -7.87 -27.41 23.32
C GLU A 245 -8.00 -26.37 22.18
N PRO A 246 -7.67 -26.76 20.95
CA PRO A 246 -7.52 -25.78 19.87
C PRO A 246 -8.75 -24.90 19.67
N GLU A 247 -9.95 -25.48 19.69
CA GLU A 247 -11.16 -24.73 19.38
CA GLU A 247 -11.16 -24.74 19.38
C GLU A 247 -11.51 -23.75 20.51
N ARG A 248 -10.89 -23.94 21.67
CA ARG A 248 -11.11 -23.07 22.83
C ARG A 248 -10.00 -22.02 23.00
N ALA A 249 -9.02 -22.01 22.09
CA ALA A 249 -7.88 -21.11 22.25
C ALA A 249 -8.14 -19.62 22.01
N SER A 250 -8.93 -19.33 20.96
CA SER A 250 -9.15 -17.94 20.52
C SER A 250 -10.35 -17.35 21.30
N ARG A 251 -10.08 -16.49 22.29
CA ARG A 251 -11.08 -16.05 23.27
C ARG A 251 -11.24 -14.55 23.36
N PRO A 252 -11.58 -13.89 22.26
CA PRO A 252 -11.65 -12.41 22.27
C PRO A 252 -12.68 -11.91 23.33
N PHE A 253 -12.24 -10.92 24.10
CA PHE A 253 -12.97 -10.31 25.20
C PHE A 253 -13.23 -11.22 26.40
N ASP A 254 -12.72 -12.45 26.38
CA ASP A 254 -12.89 -13.35 27.52
C ASP A 254 -11.81 -13.03 28.55
N LYS A 255 -12.16 -13.18 29.83
CA LYS A 255 -11.19 -12.92 30.89
C LYS A 255 -9.91 -13.77 30.79
N ASP A 256 -9.98 -14.98 30.24
CA ASP A 256 -8.84 -15.90 30.22
C ASP A 256 -8.13 -15.96 28.88
N ARG A 257 -8.35 -14.95 28.03
CA ARG A 257 -7.69 -14.91 26.73
C ARG A 257 -6.17 -14.84 26.91
N ASP A 258 -5.44 -15.41 25.96
CA ASP A 258 -3.99 -15.43 26.07
C ASP A 258 -3.33 -15.20 24.71
N GLY A 259 -4.00 -14.45 23.82
CA GLY A 259 -3.36 -14.03 22.54
C GLY A 259 -4.09 -14.56 21.32
N PHE A 260 -3.58 -14.24 20.12
CA PHE A 260 -4.36 -14.55 18.93
C PHE A 260 -4.05 -15.95 18.38
N VAL A 261 -4.88 -16.42 17.45
CA VAL A 261 -4.66 -17.72 16.77
C VAL A 261 -4.71 -17.46 15.26
N PHE A 262 -3.76 -18.02 14.49
CA PHE A 262 -3.85 -17.89 13.03
C PHE A 262 -5.04 -18.66 12.50
N GLY A 263 -5.75 -18.07 11.53
CA GLY A 263 -6.76 -18.78 10.80
C GLY A 263 -6.72 -18.28 9.36
N GLU A 264 -6.36 -19.16 8.43
CA GLU A 264 -6.13 -18.67 7.02
C GLU A 264 -7.43 -18.16 6.40
N ALA A 265 -7.32 -17.22 5.46
CA ALA A 265 -8.47 -16.75 4.72
C ALA A 265 -8.01 -15.90 3.57
N GLY A 266 -8.97 -15.66 2.68
CA GLY A 266 -8.86 -14.52 1.76
C GLY A 266 -10.30 -14.16 1.40
N ALA A 267 -10.55 -12.88 1.10
CA ALA A 267 -11.91 -12.43 0.85
C ALA A 267 -11.94 -11.25 -0.09
N LEU A 268 -12.96 -11.25 -0.97
CA LEU A 268 -13.11 -10.09 -1.89
C LEU A 268 -14.60 -9.77 -1.88
N MET A 269 -14.90 -8.52 -2.16
CA MET A 269 -16.30 -8.17 -2.45
C MET A 269 -16.33 -7.27 -3.68
N LEU A 270 -17.48 -7.27 -4.33
CA LEU A 270 -17.73 -6.34 -5.43
C LEU A 270 -18.60 -5.19 -4.93
N ILE A 271 -18.13 -3.97 -5.10
CA ILE A 271 -18.94 -2.78 -4.72
C ILE A 271 -19.17 -1.95 -5.98
N GLU A 272 -20.26 -1.20 -6.02
CA GLU A 272 -20.51 -0.38 -7.21
C GLU A 272 -21.51 0.70 -6.80
N THR A 273 -21.61 1.76 -7.60
CA THR A 273 -22.64 2.75 -7.30
C THR A 273 -24.02 2.08 -7.37
N GLU A 274 -24.94 2.55 -6.55
CA GLU A 274 -26.30 2.00 -6.58
C GLU A 274 -26.90 2.13 -8.00
N GLU A 275 -26.63 3.25 -8.67
CA GLU A 275 -26.96 3.49 -10.08
CA GLU A 275 -27.12 3.39 -10.02
C GLU A 275 -26.49 2.38 -11.01
N HIS A 276 -25.21 2.07 -10.88
CA HIS A 276 -24.56 1.05 -11.70
C HIS A 276 -25.23 -0.31 -11.46
N ALA A 277 -25.45 -0.65 -10.19
CA ALA A 277 -26.12 -1.92 -9.83
C ALA A 277 -27.51 -1.99 -10.40
N LYS A 278 -28.32 -0.94 -10.18
CA LYS A 278 -29.67 -0.98 -10.74
C LYS A 278 -29.65 -1.18 -12.26
N ALA A 279 -28.73 -0.51 -12.96
CA ALA A 279 -28.72 -0.55 -14.44
C ALA A 279 -28.44 -1.95 -14.98
N ARG A 280 -27.76 -2.80 -14.21
CA ARG A 280 -27.46 -4.19 -14.66
C ARG A 280 -28.36 -5.20 -13.96
N GLY A 281 -29.23 -4.73 -13.07
CA GLY A 281 -30.14 -5.62 -12.36
C GLY A 281 -29.48 -6.41 -11.22
N ALA A 282 -28.37 -5.93 -10.65
CA ALA A 282 -27.73 -6.62 -9.53
C ALA A 282 -28.48 -6.33 -8.24
N LYS A 283 -28.68 -7.37 -7.42
CA LYS A 283 -29.41 -7.20 -6.18
C LYS A 283 -28.39 -6.90 -5.07
N PRO A 284 -28.43 -5.68 -4.50
CA PRO A 284 -27.49 -5.39 -3.40
C PRO A 284 -27.59 -6.31 -2.16
N LEU A 285 -26.44 -6.64 -1.56
CA LEU A 285 -26.43 -7.35 -0.28
CA LEU A 285 -26.42 -7.36 -0.28
C LEU A 285 -26.41 -6.42 0.95
N ALA A 286 -25.94 -5.19 0.75
CA ALA A 286 -25.76 -4.18 1.83
C ALA A 286 -25.29 -2.91 1.15
N ARG A 287 -25.14 -1.86 1.97
CA ARG A 287 -24.60 -0.57 1.53
C ARG A 287 -23.27 -0.34 2.25
N LEU A 288 -22.27 0.22 1.55
CA LEU A 288 -20.98 0.61 2.16
C LEU A 288 -21.12 2.14 2.25
N LEU A 289 -21.30 2.65 3.46
CA LEU A 289 -21.69 4.06 3.70
C LEU A 289 -20.52 5.01 3.94
N GLY A 290 -19.40 4.54 4.51
CA GLY A 290 -18.36 5.50 4.85
C GLY A 290 -17.19 4.76 5.47
N ALA A 291 -16.01 5.40 5.54
CA ALA A 291 -14.78 4.71 5.97
C ALA A 291 -13.92 5.68 6.75
N GLY A 292 -13.36 5.27 7.88
CA GLY A 292 -12.51 6.21 8.59
C GLY A 292 -11.12 5.57 8.71
N ILE A 293 -10.08 6.36 8.44
CA ILE A 293 -8.70 5.87 8.63
C ILE A 293 -7.97 6.87 9.54
N THR A 294 -7.45 6.41 10.67
CA THR A 294 -6.63 7.27 11.51
C THR A 294 -5.40 6.49 11.97
N SER A 295 -4.61 7.08 12.86
CA SER A 295 -3.43 6.38 13.35
C SER A 295 -3.14 6.80 14.80
N ASP A 296 -2.43 5.93 15.52
CA ASP A 296 -2.22 6.16 16.96
C ASP A 296 -1.07 7.09 17.36
N ALA A 297 0.02 7.05 16.59
CA ALA A 297 1.36 7.52 17.00
C ALA A 297 1.66 7.13 18.46
N PHE A 298 1.57 5.83 18.72
CA PHE A 298 1.76 5.38 20.11
C PHE A 298 2.87 4.31 20.21
N HIS A 299 2.77 3.27 19.40
CA HIS A 299 3.75 2.15 19.49
C HIS A 299 3.76 1.38 18.17
N MET A 300 4.91 0.78 17.84
CA MET A 300 5.03 0.10 16.56
C MET A 300 4.16 -1.15 16.47
N VAL A 301 3.87 -1.83 17.59
CA VAL A 301 2.92 -2.97 17.53
C VAL A 301 1.78 -3.01 18.54
N ALA A 302 1.92 -2.29 19.64
CA ALA A 302 0.83 -2.26 20.61
C ALA A 302 -0.17 -1.17 20.19
N PRO A 303 -1.48 -1.44 20.29
CA PRO A 303 -2.47 -0.38 20.06
C PRO A 303 -2.53 0.56 21.28
N ALA A 304 -2.87 1.83 21.02
CA ALA A 304 -2.93 2.79 22.15
C ALA A 304 -3.93 2.30 23.19
N ALA A 305 -3.56 2.31 24.47
CA ALA A 305 -4.49 1.85 25.50
C ALA A 305 -5.79 2.67 25.59
N ASP A 306 -5.70 3.98 25.32
CA ASP A 306 -6.87 4.83 25.54
C ASP A 306 -7.95 4.64 24.45
N GLY A 307 -7.62 3.95 23.35
CA GLY A 307 -8.63 3.73 22.28
C GLY A 307 -9.06 5.01 21.54
N VAL A 308 -8.38 6.13 21.78
CA VAL A 308 -8.96 7.41 21.35
C VAL A 308 -8.91 7.55 19.81
N ARG A 309 -7.74 7.28 19.19
CA ARG A 309 -7.66 7.46 17.74
C ARG A 309 -8.40 6.32 17.04
N ALA A 310 -8.43 5.13 17.63
CA ALA A 310 -9.20 4.02 17.06
C ALA A 310 -10.69 4.40 17.10
N GLY A 311 -11.14 4.97 18.21
CA GLY A 311 -12.52 5.44 18.29
C GLY A 311 -12.78 6.51 17.22
N ARG A 312 -11.82 7.40 17.00
CA ARG A 312 -12.05 8.46 16.02
C ARG A 312 -12.15 7.85 14.59
N ALA A 313 -11.48 6.74 14.29
CA ALA A 313 -11.73 6.07 13.00
C ALA A 313 -13.23 5.67 12.87
N MET A 314 -13.77 5.09 13.93
CA MET A 314 -15.19 4.70 13.92
C MET A 314 -16.00 6.00 13.77
N THR A 315 -15.71 7.05 14.56
CA THR A 315 -16.47 8.29 14.39
C THR A 315 -16.40 8.85 12.96
N ARG A 316 -15.21 8.83 12.35
CA ARG A 316 -15.05 9.38 11.00
C ARG A 316 -15.93 8.60 10.01
N SER A 317 -16.01 7.27 10.16
CA SER A 317 -16.83 6.47 9.23
C SER A 317 -18.29 6.90 9.36
N LEU A 318 -18.72 7.19 10.60
CA LEU A 318 -20.11 7.72 10.84
C LEU A 318 -20.37 9.09 10.20
N GLU A 319 -19.39 9.99 10.36
CA GLU A 319 -19.50 11.33 9.77
C GLU A 319 -19.66 11.25 8.26
N LEU A 320 -18.86 10.40 7.61
CA LEU A 320 -18.90 10.28 6.13
C LEU A 320 -20.22 9.58 5.75
N ALA A 321 -20.68 8.65 6.60
CA ALA A 321 -21.97 7.97 6.31
C ALA A 321 -23.14 8.90 6.52
N GLY A 322 -22.96 9.88 7.40
CA GLY A 322 -24.08 10.75 7.84
C GLY A 322 -24.88 10.08 8.96
N LEU A 323 -24.24 9.29 9.82
CA LEU A 323 -24.88 8.59 10.93
C LEU A 323 -24.43 9.10 12.29
N SER A 324 -25.22 8.89 13.34
CA SER A 324 -24.74 9.17 14.70
CA SER A 324 -24.69 9.17 14.68
C SER A 324 -24.43 7.86 15.42
N PRO A 325 -23.55 7.90 16.43
CA PRO A 325 -23.29 6.64 17.11
C PRO A 325 -24.55 5.99 17.68
N ALA A 326 -25.55 6.79 18.07
CA ALA A 326 -26.86 6.22 18.52
C ALA A 326 -27.54 5.34 17.48
N ASP A 327 -27.19 5.49 16.19
CA ASP A 327 -27.80 4.68 15.11
C ASP A 327 -27.22 3.27 15.02
N ILE A 328 -26.02 3.09 15.56
CA ILE A 328 -25.28 1.85 15.31
C ILE A 328 -25.84 0.66 16.12
N ASP A 329 -26.19 -0.41 15.40
CA ASP A 329 -26.78 -1.61 16.00
C ASP A 329 -25.76 -2.65 16.35
N HIS A 330 -24.67 -2.64 15.60
CA HIS A 330 -23.74 -3.78 15.63
C HIS A 330 -22.30 -3.35 15.39
N VAL A 331 -21.33 -3.87 16.16
CA VAL A 331 -19.91 -3.71 15.83
C VAL A 331 -19.30 -5.08 15.57
N ASN A 332 -18.64 -5.23 14.42
CA ASN A 332 -17.84 -6.44 14.22
C ASN A 332 -16.41 -6.05 14.65
N ALA A 333 -16.01 -6.59 15.81
CA ALA A 333 -14.80 -6.16 16.50
C ALA A 333 -13.58 -6.70 15.77
N HIS A 334 -12.49 -5.96 15.85
CA HIS A 334 -11.21 -6.53 15.44
C HIS A 334 -10.81 -7.71 16.36
N GLY A 335 -11.10 -7.54 17.66
CA GLY A 335 -11.18 -8.65 18.61
C GLY A 335 -10.18 -9.78 18.43
N THR A 336 -8.89 -9.52 18.60
CA THR A 336 -7.86 -10.58 18.35
C THR A 336 -7.61 -11.54 19.47
N ALA A 337 -8.17 -11.26 20.65
CA ALA A 337 -7.94 -12.06 21.86
C ALA A 337 -6.59 -11.86 22.53
N THR A 338 -5.84 -10.80 22.19
CA THR A 338 -4.76 -10.40 23.08
C THR A 338 -5.34 -9.62 24.28
N PRO A 339 -4.69 -9.78 25.46
CA PRO A 339 -5.05 -8.96 26.62
C PRO A 339 -5.05 -7.47 26.29
N ILE A 340 -3.97 -6.93 25.73
CA ILE A 340 -3.97 -5.47 25.55
CA ILE A 340 -3.85 -5.49 25.48
C ILE A 340 -4.82 -5.01 24.38
N GLY A 341 -4.93 -5.83 23.33
CA GLY A 341 -5.64 -5.41 22.11
C GLY A 341 -7.13 -5.30 22.39
N ASP A 342 -7.71 -6.30 23.06
CA ASP A 342 -9.16 -6.25 23.27
C ASP A 342 -9.50 -5.13 24.26
N ALA A 343 -8.65 -4.90 25.26
CA ALA A 343 -8.92 -3.83 26.22
C ALA A 343 -8.92 -2.50 25.50
N ALA A 344 -7.93 -2.29 24.63
CA ALA A 344 -7.87 -1.02 23.88
C ALA A 344 -9.12 -0.86 23.02
N GLU A 345 -9.51 -1.92 22.31
CA GLU A 345 -10.71 -1.83 21.45
C GLU A 345 -11.99 -1.52 22.24
N ALA A 346 -12.15 -2.12 23.41
CA ALA A 346 -13.30 -1.77 24.25
C ALA A 346 -13.28 -0.27 24.55
N ASN A 347 -12.11 0.27 24.90
CA ASN A 347 -12.04 1.71 25.12
C ASN A 347 -12.42 2.49 23.85
N ALA A 348 -11.93 2.03 22.70
CA ALA A 348 -12.23 2.70 21.43
C ALA A 348 -13.74 2.75 21.15
N ILE A 349 -14.38 1.60 21.33
CA ILE A 349 -15.84 1.54 21.12
C ILE A 349 -16.61 2.46 22.08
N ARG A 350 -16.14 2.61 23.33
CA ARG A 350 -16.69 3.63 24.23
C ARG A 350 -16.43 5.05 23.77
N VAL A 351 -15.21 5.33 23.29
CA VAL A 351 -14.86 6.68 22.84
C VAL A 351 -15.80 7.08 21.70
N ALA A 352 -16.05 6.12 20.79
CA ALA A 352 -16.94 6.35 19.67
C ALA A 352 -18.44 6.33 20.00
N GLY A 353 -18.83 6.06 21.24
CA GLY A 353 -20.27 6.10 21.59
C GLY A 353 -20.99 4.88 21.06
N CYS A 354 -20.23 3.83 20.72
CA CYS A 354 -20.78 2.63 20.09
C CYS A 354 -20.91 1.48 21.06
N ASP A 355 -20.72 1.76 22.37
CA ASP A 355 -20.73 0.63 23.29
C ASP A 355 -22.10 0.06 23.71
N GLN A 356 -23.20 0.64 23.20
CA GLN A 356 -24.48 -0.02 23.41
C GLN A 356 -24.75 -1.04 22.32
N ALA A 357 -23.92 -1.05 21.26
CA ALA A 357 -24.22 -1.98 20.14
C ALA A 357 -23.90 -3.45 20.48
N ALA A 358 -24.45 -4.37 19.69
CA ALA A 358 -24.14 -5.82 19.82
C ALA A 358 -22.80 -6.11 19.14
N VAL A 359 -21.89 -6.75 19.88
CA VAL A 359 -20.52 -6.92 19.38
C VAL A 359 -20.29 -8.39 19.02
N TYR A 360 -19.67 -8.65 17.88
CA TYR A 360 -19.23 -9.99 17.53
C TYR A 360 -17.71 -9.96 17.27
N ALA A 361 -16.98 -11.03 17.66
CA ALA A 361 -15.52 -11.07 17.44
C ALA A 361 -15.21 -12.36 16.64
N PRO A 362 -15.28 -12.30 15.30
CA PRO A 362 -15.26 -13.52 14.49
C PRO A 362 -13.95 -14.30 14.58
N LYS A 363 -12.86 -13.64 14.99
CA LYS A 363 -11.61 -14.38 15.13
C LYS A 363 -11.75 -15.48 16.19
N SER A 364 -12.80 -15.40 17.01
CA SER A 364 -13.06 -16.48 17.98
C SER A 364 -13.21 -17.84 17.26
N ALA A 365 -13.77 -17.80 16.03
CA ALA A 365 -14.09 -19.00 15.25
C ALA A 365 -13.13 -19.18 14.05
N LEU A 366 -12.73 -18.06 13.42
CA LEU A 366 -12.01 -18.12 12.13
C LEU A 366 -10.53 -17.79 12.30
N GLY A 367 -10.18 -17.36 13.52
CA GLY A 367 -8.79 -16.94 13.76
C GLY A 367 -8.38 -15.73 12.92
N HIS A 368 -7.06 -15.45 12.90
CA HIS A 368 -6.55 -14.16 12.40
C HIS A 368 -5.83 -14.45 11.10
N SER A 369 -6.30 -13.79 10.02
CA SER A 369 -5.71 -13.92 8.68
C SER A 369 -4.95 -12.66 8.26
N ILE A 370 -4.49 -11.86 9.24
CA ILE A 370 -3.47 -10.82 8.97
C ILE A 370 -4.00 -9.94 7.83
N GLY A 371 -3.34 -9.85 6.68
CA GLY A 371 -3.77 -8.82 5.72
C GLY A 371 -5.12 -9.09 5.10
N ALA A 372 -5.60 -10.34 5.21
CA ALA A 372 -6.92 -10.62 4.62
C ALA A 372 -8.07 -10.30 5.61
N VAL A 373 -7.77 -10.23 6.90
CA VAL A 373 -8.83 -10.47 7.90
C VAL A 373 -9.89 -9.36 7.91
N GLY A 374 -9.47 -8.11 7.72
CA GLY A 374 -10.46 -7.03 7.71
C GLY A 374 -11.47 -7.16 6.56
N ALA A 375 -10.98 -7.70 5.44
CA ALA A 375 -11.84 -7.97 4.27
C ALA A 375 -12.83 -9.10 4.61
N LEU A 376 -12.33 -10.18 5.21
CA LEU A 376 -13.18 -11.29 5.59
C LEU A 376 -14.26 -10.72 6.54
N GLU A 377 -13.85 -9.93 7.53
CA GLU A 377 -14.82 -9.48 8.55
C GLU A 377 -15.81 -8.44 7.97
N SER A 378 -15.39 -7.71 6.93
CA SER A 378 -16.31 -6.82 6.20
C SER A 378 -17.36 -7.64 5.49
N VAL A 379 -16.95 -8.77 4.89
CA VAL A 379 -17.96 -9.65 4.27
C VAL A 379 -18.92 -10.21 5.32
N LEU A 380 -18.39 -10.63 6.46
CA LEU A 380 -19.30 -11.07 7.54
C LEU A 380 -20.27 -9.99 8.03
N THR A 381 -19.81 -8.74 8.09
CA THR A 381 -20.68 -7.61 8.48
C THR A 381 -21.83 -7.52 7.48
N VAL A 382 -21.48 -7.64 6.21
CA VAL A 382 -22.51 -7.52 5.16
C VAL A 382 -23.56 -8.64 5.37
N LEU A 383 -23.10 -9.85 5.65
CA LEU A 383 -24.03 -10.96 5.76
C LEU A 383 -24.87 -10.80 7.01
N THR A 384 -24.29 -10.26 8.08
CA THR A 384 -25.12 -9.95 9.24
C THR A 384 -26.29 -9.04 8.88
N LEU A 385 -25.99 -7.96 8.15
CA LEU A 385 -27.03 -7.01 7.72
C LEU A 385 -28.03 -7.64 6.75
N ARG A 386 -27.52 -8.42 5.80
CA ARG A 386 -28.39 -9.09 4.84
C ARG A 386 -29.40 -10.01 5.54
N ASP A 387 -28.93 -10.78 6.52
CA ASP A 387 -29.72 -11.89 7.08
C ASP A 387 -30.33 -11.57 8.46
N GLY A 388 -30.01 -10.39 9.02
CA GLY A 388 -30.60 -10.00 10.32
C GLY A 388 -30.12 -10.95 11.42
N VAL A 389 -28.83 -11.31 11.44
CA VAL A 389 -28.37 -12.24 12.46
C VAL A 389 -26.88 -12.07 12.73
N ILE A 390 -26.48 -12.21 13.99
CA ILE A 390 -25.06 -12.16 14.38
C ILE A 390 -24.66 -13.54 14.94
N PRO A 391 -23.56 -14.16 14.44
CA PRO A 391 -23.13 -15.42 15.05
C PRO A 391 -22.62 -15.23 16.48
N PRO A 392 -22.60 -16.32 17.25
CA PRO A 392 -22.08 -16.22 18.59
C PRO A 392 -20.55 -16.05 18.52
N THR A 393 -20.02 -15.26 19.46
CA THR A 393 -18.57 -15.19 19.69
C THR A 393 -18.14 -16.44 20.52
N LEU A 394 -17.32 -17.31 19.93
CA LEU A 394 -17.00 -18.57 20.57
C LEU A 394 -16.11 -18.25 21.76
N ASN A 395 -16.20 -19.12 22.74
CA ASN A 395 -15.27 -19.14 23.89
C ASN A 395 -15.49 -18.01 24.88
N TYR A 396 -16.58 -17.27 24.71
CA TYR A 396 -16.84 -16.10 25.57
C TYR A 396 -17.58 -16.62 26.80
N GLU A 397 -16.82 -16.87 27.86
CA GLU A 397 -17.31 -17.63 29.03
C GLU A 397 -17.23 -16.85 30.32
N THR A 398 -16.19 -16.05 30.48
CA THR A 398 -16.06 -15.24 31.69
C THR A 398 -15.91 -13.78 31.26
N PRO A 399 -16.93 -12.95 31.47
CA PRO A 399 -16.79 -11.54 31.14
C PRO A 399 -15.67 -10.83 31.91
N ASP A 400 -15.00 -9.92 31.21
CA ASP A 400 -13.85 -9.20 31.75
C ASP A 400 -14.38 -7.81 32.14
N PRO A 401 -14.29 -7.44 33.43
CA PRO A 401 -14.91 -6.15 33.82
C PRO A 401 -14.40 -4.89 33.10
N GLU A 402 -13.16 -4.90 32.63
CA GLU A 402 -12.57 -3.84 31.82
CA GLU A 402 -12.67 -3.76 31.88
C GLU A 402 -13.24 -3.68 30.46
N ILE A 403 -13.99 -4.70 30.04
CA ILE A 403 -14.44 -4.74 28.66
C ILE A 403 -15.88 -4.12 28.62
N ASP A 404 -16.76 -4.68 29.44
CA ASP A 404 -18.17 -4.16 29.57
C ASP A 404 -18.87 -3.88 28.23
N LEU A 405 -18.84 -4.86 27.34
CA LEU A 405 -19.48 -4.77 26.03
C LEU A 405 -20.59 -5.83 25.96
N ASP A 406 -21.61 -5.60 25.12
CA ASP A 406 -22.65 -6.59 24.84
C ASP A 406 -22.09 -7.56 23.79
N VAL A 407 -21.36 -8.58 24.24
CA VAL A 407 -20.76 -9.56 23.34
C VAL A 407 -21.78 -10.65 23.04
N VAL A 408 -22.12 -10.81 21.78
CA VAL A 408 -23.03 -11.88 21.38
C VAL A 408 -22.34 -13.20 21.61
N ALA A 409 -22.99 -14.12 22.30
CA ALA A 409 -22.36 -15.39 22.63
C ALA A 409 -23.44 -16.42 22.88
N GLY A 410 -23.07 -17.69 22.83
CA GLY A 410 -24.03 -18.74 23.17
C GLY A 410 -24.75 -19.22 21.92
N GLU A 411 -25.71 -18.44 21.46
CA GLU A 411 -26.49 -18.76 20.28
C GLU A 411 -26.36 -17.57 19.35
N PRO A 412 -26.62 -17.75 18.06
CA PRO A 412 -26.76 -16.57 17.20
C PRO A 412 -27.88 -15.63 17.67
N ARG A 413 -27.67 -14.34 17.45
CA ARG A 413 -28.66 -13.34 17.85
C ARG A 413 -29.34 -12.71 16.64
N TYR A 414 -30.66 -12.93 16.54
CA TYR A 414 -31.44 -12.35 15.44
C TYR A 414 -31.91 -10.95 15.77
N GLY A 415 -32.01 -10.08 14.76
CA GLY A 415 -32.51 -8.73 14.98
C GLY A 415 -32.63 -7.99 13.66
N ASP A 416 -33.41 -6.91 13.63
CA ASP A 416 -33.51 -6.13 12.40
C ASP A 416 -32.33 -5.13 12.31
N TYR A 417 -31.10 -5.60 12.09
CA TYR A 417 -29.91 -4.74 12.18
C TYR A 417 -29.88 -3.85 10.94
N ARG A 418 -29.69 -2.54 11.15
CA ARG A 418 -29.74 -1.56 10.05
CA ARG A 418 -29.73 -1.61 10.02
C ARG A 418 -28.34 -1.04 9.74
N TYR A 419 -27.59 -0.75 10.81
CA TYR A 419 -26.30 -0.09 10.66
C TYR A 419 -25.22 -0.79 11.50
N ALA A 420 -24.02 -0.97 10.90
CA ALA A 420 -22.96 -1.68 11.61
C ALA A 420 -21.58 -1.07 11.30
N VAL A 421 -20.68 -1.13 12.27
CA VAL A 421 -19.28 -0.74 11.98
C VAL A 421 -18.37 -1.94 12.08
N ASN A 422 -17.49 -2.15 11.08
CA ASN A 422 -16.48 -3.20 11.13
C ASN A 422 -15.16 -2.51 11.46
N ASN A 423 -14.53 -2.97 12.54
CA ASN A 423 -13.23 -2.45 13.00
C ASN A 423 -12.09 -3.34 12.59
N SER A 424 -10.96 -2.71 12.22
CA SER A 424 -9.71 -3.45 11.96
CA SER A 424 -9.69 -3.44 11.98
C SER A 424 -8.53 -2.56 12.37
N PHE A 425 -7.56 -3.13 13.08
CA PHE A 425 -6.39 -2.35 13.52
C PHE A 425 -5.10 -3.08 13.14
N GLY A 426 -4.06 -2.33 12.80
CA GLY A 426 -2.83 -2.97 12.33
C GLY A 426 -1.61 -2.52 13.12
N PHE A 427 -0.65 -3.44 13.26
CA PHE A 427 0.67 -3.04 13.76
C PHE A 427 1.16 -1.83 12.94
N GLY A 428 1.77 -0.88 13.65
CA GLY A 428 2.25 0.37 13.07
C GLY A 428 1.29 1.49 13.46
N GLY A 429 0.21 1.16 14.17
CA GLY A 429 -0.70 2.16 14.76
C GLY A 429 -1.91 2.48 13.88
N HIS A 430 -2.20 1.59 12.92
CA HIS A 430 -3.26 1.88 11.93
C HIS A 430 -4.70 1.50 12.36
N ASN A 431 -5.63 2.44 12.20
CA ASN A 431 -7.03 2.18 12.57
C ASN A 431 -7.90 2.33 11.33
N VAL A 432 -8.74 1.34 11.02
CA VAL A 432 -9.67 1.50 9.90
C VAL A 432 -11.05 1.04 10.36
N ALA A 433 -12.05 1.89 10.15
CA ALA A 433 -13.42 1.50 10.47
C ALA A 433 -14.27 1.66 9.22
N LEU A 434 -15.18 0.71 8.99
CA LEU A 434 -16.06 0.77 7.78
C LEU A 434 -17.50 0.77 8.29
N ALA A 435 -18.31 1.72 7.82
CA ALA A 435 -19.72 1.79 8.19
C ALA A 435 -20.57 1.17 7.07
N PHE A 436 -21.34 0.14 7.43
CA PHE A 436 -22.19 -0.60 6.50
C PHE A 436 -23.66 -0.39 6.90
N GLY A 437 -24.57 -0.47 5.92
CA GLY A 437 -26.00 -0.42 6.19
C GLY A 437 -26.79 -1.49 5.45
N ARG A 438 -27.93 -1.89 6.06
CA ARG A 438 -28.79 -2.88 5.43
C ARG A 438 -29.26 -2.22 4.15
N TYR A 439 -29.49 -3.00 3.08
CA TYR A 439 -29.95 -2.43 1.84
C TYR A 439 -31.42 -2.02 1.94
N SER B 25 -21.38 20.93 -12.18
CA SER B 25 -19.89 20.99 -12.33
C SER B 25 -19.18 20.43 -11.09
N GLN B 26 -18.18 19.58 -11.34
CA GLN B 26 -17.57 18.82 -10.25
C GLN B 26 -16.42 19.60 -9.62
N PRO B 27 -16.08 19.27 -8.36
CA PRO B 27 -14.99 19.98 -7.70
C PRO B 27 -13.63 19.88 -8.42
N SER B 28 -12.93 21.00 -8.44
CA SER B 28 -11.52 21.02 -8.84
C SER B 28 -10.82 22.00 -7.92
N THR B 29 -9.49 21.99 -7.94
CA THR B 29 -8.75 23.00 -7.19
C THR B 29 -9.10 24.39 -7.70
N ALA B 30 -9.08 24.55 -9.02
CA ALA B 30 -9.31 25.88 -9.64
C ALA B 30 -10.65 26.49 -9.32
N ASN B 31 -11.68 25.64 -9.19
CA ASN B 31 -12.99 26.19 -8.85
C ASN B 31 -13.29 26.24 -7.34
N GLY B 32 -12.31 25.88 -6.51
CA GLY B 32 -12.45 25.96 -5.05
C GLY B 32 -13.23 24.78 -4.50
N GLY B 33 -13.55 23.80 -5.34
CA GLY B 33 -14.23 22.61 -4.81
C GLY B 33 -13.33 21.75 -3.92
N PHE B 34 -12.02 21.87 -4.11
CA PHE B 34 -11.04 21.27 -3.20
C PHE B 34 -10.26 22.40 -2.51
N PRO B 35 -9.81 22.17 -1.27
CA PRO B 35 -8.96 23.21 -0.69
C PRO B 35 -7.62 23.28 -1.43
N SER B 36 -7.02 24.47 -1.40
CA SER B 36 -5.70 24.68 -1.95
C SER B 36 -4.66 23.97 -1.07
N VAL B 37 -3.75 23.24 -1.70
CA VAL B 37 -2.74 22.45 -0.97
C VAL B 37 -1.38 22.91 -1.49
N VAL B 38 -0.43 23.19 -0.60
CA VAL B 38 0.85 23.72 -1.01
C VAL B 38 1.95 22.79 -0.47
N VAL B 39 3.08 22.77 -1.19
CA VAL B 39 4.27 22.04 -0.73
C VAL B 39 5.12 23.06 0.05
N THR B 40 5.46 22.73 1.30
CA THR B 40 6.14 23.73 2.17
C THR B 40 7.55 23.30 2.55
N ALA B 41 7.93 22.06 2.25
CA ALA B 41 9.32 21.64 2.57
C ALA B 41 9.62 20.36 1.81
N VAL B 42 10.89 20.13 1.47
CA VAL B 42 11.26 18.92 0.67
C VAL B 42 12.56 18.44 1.25
N THR B 43 12.82 17.13 1.20
N THR B 43 12.79 17.12 1.21
CA THR B 43 14.10 16.57 1.65
CA THR B 43 14.09 16.57 1.56
C THR B 43 14.36 15.33 0.78
C THR B 43 14.35 15.34 0.72
N ALA B 44 15.62 15.10 0.41
CA ALA B 44 15.93 13.88 -0.35
C ALA B 44 17.40 13.52 -0.14
N THR B 45 17.67 12.22 -0.23
CA THR B 45 19.04 11.77 -0.25
C THR B 45 19.23 11.05 -1.61
N THR B 46 20.33 11.35 -2.31
CA THR B 46 20.55 10.76 -3.64
C THR B 46 21.98 10.30 -3.87
N SER B 47 22.23 9.76 -5.06
CA SER B 47 23.60 9.43 -5.47
C SER B 47 24.48 10.66 -5.69
N ILE B 48 23.90 11.82 -5.92
CA ILE B 48 24.67 13.06 -6.03
C ILE B 48 25.00 13.70 -4.68
N SER B 49 24.04 13.75 -3.76
CA SER B 49 24.20 14.53 -2.51
C SER B 49 23.20 14.06 -1.46
N PRO B 50 23.51 14.22 -0.16
CA PRO B 50 22.48 14.01 0.86
C PRO B 50 21.55 15.21 0.97
N ASP B 51 21.95 16.31 0.34
N ASP B 51 21.88 16.30 0.30
CA ASP B 51 21.29 17.62 0.47
CA ASP B 51 21.24 17.61 0.55
C ASP B 51 20.48 17.75 -0.84
C ASP B 51 20.49 17.95 -0.75
N ILE B 52 19.16 17.90 -0.78
CA ILE B 52 18.38 18.12 -2.01
C ILE B 52 18.80 19.40 -2.76
N GLU B 53 19.12 20.48 -2.05
CA GLU B 53 19.48 21.71 -2.75
C GLU B 53 20.79 21.51 -3.51
N SER B 54 21.74 20.74 -2.95
CA SER B 54 23.00 20.40 -3.64
C SER B 54 22.81 19.38 -4.74
N THR B 55 21.91 18.41 -4.55
CA THR B 55 21.47 17.57 -5.68
C THR B 55 20.95 18.41 -6.86
N TRP B 56 20.08 19.36 -6.56
CA TRP B 56 19.52 20.21 -7.60
C TRP B 56 20.57 21.05 -8.32
N LYS B 57 21.43 21.73 -7.58
CA LYS B 57 22.56 22.40 -8.25
C LYS B 57 23.40 21.47 -9.12
N GLY B 58 23.71 20.27 -8.61
CA GLY B 58 24.48 19.31 -9.36
C GLY B 58 23.75 18.93 -10.63
N LEU B 59 22.45 18.67 -10.54
CA LEU B 59 21.73 18.30 -11.78
C LEU B 59 21.85 19.42 -12.81
N LEU B 60 21.65 20.66 -12.36
CA LEU B 60 21.70 21.81 -13.27
C LEU B 60 23.10 21.98 -13.88
N ALA B 61 24.13 21.52 -13.17
CA ALA B 61 25.50 21.54 -13.71
C ALA B 61 25.85 20.34 -14.57
N GLY B 62 24.90 19.42 -14.78
CA GLY B 62 25.12 18.28 -15.68
C GLY B 62 25.76 17.11 -14.96
N GLU B 63 25.72 17.11 -13.62
CA GLU B 63 26.36 15.99 -12.88
C GLU B 63 25.53 14.72 -12.97
N SER B 64 26.22 13.59 -12.92
CA SER B 64 25.54 12.28 -12.90
C SER B 64 25.86 11.69 -11.51
N GLY B 65 24.96 10.91 -10.93
CA GLY B 65 25.30 10.09 -9.74
C GLY B 65 25.65 8.64 -10.04
N ILE B 66 25.79 8.27 -11.32
CA ILE B 66 26.03 6.89 -11.72
C ILE B 66 27.54 6.63 -11.90
N HIS B 67 28.04 5.57 -11.28
CA HIS B 67 29.45 5.22 -11.35
C HIS B 67 29.66 3.72 -11.52
N ALA B 68 30.92 3.28 -11.68
CA ALA B 68 31.18 1.84 -11.59
C ALA B 68 30.87 1.37 -10.16
N LEU B 69 30.23 0.22 -10.01
CA LEU B 69 30.00 -0.33 -8.70
C LEU B 69 31.31 -0.93 -8.20
N GLU B 70 31.73 -0.61 -6.98
CA GLU B 70 32.98 -1.08 -6.38
CA GLU B 70 32.98 -1.21 -6.52
C GLU B 70 32.73 -2.22 -5.40
N ASP B 71 31.47 -2.52 -5.14
CA ASP B 71 31.15 -3.54 -4.13
C ASP B 71 31.75 -4.92 -4.41
N GLU B 72 32.12 -5.59 -3.33
CA GLU B 72 32.70 -6.93 -3.45
CA GLU B 72 32.69 -6.93 -3.42
C GLU B 72 31.68 -7.86 -4.11
N PHE B 73 30.39 -7.58 -3.91
CA PHE B 73 29.37 -8.51 -4.43
C PHE B 73 29.38 -8.57 -5.95
N VAL B 74 29.80 -7.50 -6.60
CA VAL B 74 29.85 -7.53 -8.07
C VAL B 74 30.87 -8.58 -8.54
N THR B 75 32.05 -8.56 -7.95
CA THR B 75 33.06 -9.50 -8.38
C THR B 75 32.76 -10.89 -7.80
N LYS B 76 32.17 -10.98 -6.61
CA LYS B 76 31.83 -12.31 -6.06
C LYS B 76 30.94 -13.07 -7.04
N TRP B 77 29.92 -12.39 -7.56
CA TRP B 77 28.95 -13.02 -8.46
C TRP B 77 29.22 -12.85 -9.95
N ASP B 78 30.24 -12.06 -10.34
CA ASP B 78 30.44 -11.67 -11.74
C ASP B 78 29.17 -11.12 -12.41
N LEU B 79 28.56 -10.18 -11.73
CA LEU B 79 27.26 -9.66 -12.20
C LEU B 79 27.40 -9.05 -13.59
N ALA B 80 26.37 -9.21 -14.43
CA ALA B 80 26.38 -8.67 -15.78
C ALA B 80 26.22 -7.13 -15.71
N VAL B 81 25.61 -6.64 -14.63
CA VAL B 81 25.49 -5.19 -14.40
C VAL B 81 26.52 -4.75 -13.35
N LYS B 82 27.34 -3.76 -13.72
CA LYS B 82 28.42 -3.32 -12.86
C LYS B 82 28.41 -1.80 -12.71
N ILE B 83 27.22 -1.21 -12.81
CA ILE B 83 27.09 0.26 -12.66
C ILE B 83 25.89 0.57 -11.79
N GLY B 84 25.87 1.77 -11.21
CA GLY B 84 24.67 2.21 -10.48
C GLY B 84 25.10 3.39 -9.63
N GLY B 85 24.18 4.03 -8.94
CA GLY B 85 24.55 5.18 -8.06
C GLY B 85 24.24 4.84 -6.61
N HIS B 86 25.24 4.54 -5.79
CA HIS B 86 24.92 4.43 -4.34
C HIS B 86 24.68 5.84 -3.81
N LEU B 87 23.98 5.97 -2.66
CA LEU B 87 23.89 7.28 -2.00
C LEU B 87 25.28 7.89 -1.81
N LYS B 88 25.36 9.19 -2.07
CA LYS B 88 26.56 9.94 -1.73
CA LYS B 88 26.56 9.95 -1.72
C LYS B 88 26.93 9.82 -0.25
N ASP B 89 25.92 9.87 0.63
CA ASP B 89 26.10 9.85 2.07
C ASP B 89 25.23 8.71 2.61
N PRO B 90 25.85 7.57 2.95
CA PRO B 90 25.04 6.39 3.32
C PRO B 90 24.20 6.67 4.55
N VAL B 91 22.98 6.14 4.51
CA VAL B 91 22.04 6.31 5.60
C VAL B 91 22.64 5.88 6.94
N ASP B 92 23.34 4.74 6.97
CA ASP B 92 23.72 4.19 8.25
C ASP B 92 24.88 4.90 8.95
N SER B 93 25.52 5.85 8.26
CA SER B 93 26.47 6.71 8.94
CA SER B 93 26.48 6.73 8.91
C SER B 93 25.77 7.64 9.92
N HIS B 94 24.44 7.69 9.87
CA HIS B 94 23.66 8.57 10.73
C HIS B 94 22.84 7.80 11.75
N MET B 95 23.09 6.49 11.90
CA MET B 95 22.21 5.61 12.69
C MET B 95 22.95 5.20 13.94
N GLY B 96 22.22 5.20 15.05
CA GLY B 96 22.82 4.72 16.32
C GLY B 96 22.80 3.19 16.41
N ARG B 97 23.48 2.71 17.46
CA ARG B 97 23.63 1.29 17.68
C ARG B 97 22.27 0.61 17.73
N LEU B 98 21.32 1.19 18.45
CA LEU B 98 20.01 0.51 18.60
C LEU B 98 19.22 0.55 17.31
N ASP B 99 19.30 1.70 16.62
CA ASP B 99 18.61 1.81 15.33
C ASP B 99 19.03 0.67 14.38
N MET B 100 20.32 0.34 14.38
CA MET B 100 20.81 -0.69 13.46
C MET B 100 20.25 -2.06 13.86
N ARG B 101 19.82 -2.22 15.11
CA ARG B 101 19.36 -3.55 15.57
C ARG B 101 17.82 -3.66 15.60
N ARG B 102 17.12 -2.53 15.50
CA ARG B 102 15.67 -2.49 15.72
C ARG B 102 14.88 -2.03 14.51
N MET B 103 15.56 -1.66 13.42
CA MET B 103 14.84 -1.16 12.23
C MET B 103 15.39 -1.86 10.98
N SER B 104 14.55 -2.12 9.98
CA SER B 104 15.08 -2.47 8.66
C SER B 104 15.69 -1.21 8.00
N TYR B 105 16.42 -1.41 6.90
CA TYR B 105 17.05 -0.28 6.20
C TYR B 105 16.04 0.81 5.76
N VAL B 106 14.92 0.43 5.16
CA VAL B 106 13.97 1.46 4.73
C VAL B 106 13.35 2.25 5.92
N GLN B 107 13.24 1.59 7.08
CA GLN B 107 12.82 2.34 8.27
C GLN B 107 13.91 3.32 8.68
N ARG B 108 15.19 2.88 8.67
CA ARG B 108 16.28 3.82 9.00
C ARG B 108 16.33 5.02 8.06
N MET B 109 16.14 4.76 6.76
CA MET B 109 16.10 5.84 5.78
C MET B 109 14.88 6.72 6.09
N GLY B 110 13.73 6.13 6.39
CA GLY B 110 12.54 6.92 6.77
C GLY B 110 12.72 7.77 8.01
N LYS B 111 13.35 7.23 9.08
CA LYS B 111 13.60 8.04 10.25
C LYS B 111 14.54 9.21 9.89
N LEU B 112 15.60 8.92 9.12
CA LEU B 112 16.57 9.99 8.81
C LEU B 112 15.90 11.12 8.02
N LEU B 113 15.13 10.78 6.97
CA LEU B 113 14.52 11.79 6.11
C LEU B 113 13.41 12.48 6.91
N GLY B 114 12.63 11.73 7.69
CA GLY B 114 11.53 12.38 8.41
C GLY B 114 12.04 13.45 9.38
N GLY B 115 13.15 13.16 10.07
CA GLY B 115 13.73 14.19 10.97
C GLY B 115 14.31 15.38 10.20
N GLN B 116 14.98 15.12 9.09
CA GLN B 116 15.53 16.20 8.25
C GLN B 116 14.42 17.10 7.71
N LEU B 117 13.33 16.48 7.22
CA LEU B 117 12.19 17.24 6.68
C LEU B 117 11.59 18.11 7.77
N TRP B 118 11.40 17.54 8.96
CA TRP B 118 10.75 18.31 10.04
C TRP B 118 11.61 19.49 10.44
N GLU B 119 12.90 19.28 10.54
CA GLU B 119 13.81 20.42 10.81
CA GLU B 119 13.84 20.39 10.80
C GLU B 119 13.78 21.47 9.70
N SER B 120 13.78 21.04 8.44
CA SER B 120 13.70 21.97 7.30
C SER B 120 12.45 22.82 7.27
N ALA B 121 11.37 22.26 7.77
CA ALA B 121 10.08 22.93 7.88
C ALA B 121 9.98 23.85 9.08
N GLY B 122 11.03 23.93 9.89
CA GLY B 122 10.96 24.80 11.10
C GLY B 122 10.42 24.08 12.32
N SER B 123 10.37 22.74 12.27
CA SER B 123 9.85 21.90 13.37
C SER B 123 8.44 22.35 13.84
N PRO B 124 7.50 22.52 12.91
CA PRO B 124 6.19 23.12 13.24
C PRO B 124 5.40 22.38 14.31
N GLU B 125 4.61 23.07 15.12
CA GLU B 125 3.81 22.42 16.15
C GLU B 125 2.42 22.26 15.52
N VAL B 126 2.13 21.09 14.94
CA VAL B 126 0.86 20.90 14.25
C VAL B 126 -0.09 20.12 15.16
N ASP B 127 -1.38 20.07 14.81
CA ASP B 127 -2.33 19.29 15.59
C ASP B 127 -2.12 17.85 15.12
N PRO B 128 -1.69 16.95 16.01
CA PRO B 128 -1.40 15.58 15.53
C PRO B 128 -2.67 14.95 14.95
N ASP B 129 -3.86 15.36 15.44
CA ASP B 129 -5.05 14.71 14.92
C ASP B 129 -5.45 15.17 13.50
N ARG B 130 -4.70 16.13 12.95
CA ARG B 130 -4.95 16.62 11.57
C ARG B 130 -3.69 16.39 10.74
N PHE B 131 -2.79 15.52 11.22
CA PHE B 131 -1.49 15.30 10.56
C PHE B 131 -1.37 13.83 10.11
N ALA B 132 -1.26 13.62 8.78
CA ALA B 132 -1.10 12.26 8.20
C ALA B 132 0.29 11.99 7.63
N VAL B 133 0.65 10.71 7.48
CA VAL B 133 1.91 10.33 6.80
C VAL B 133 1.51 9.37 5.69
N VAL B 134 2.10 9.52 4.50
CA VAL B 134 1.83 8.50 3.48
C VAL B 134 3.16 8.24 2.77
N VAL B 135 3.71 7.04 2.95
CA VAL B 135 5.07 6.83 2.43
C VAL B 135 5.04 5.51 1.68
N GLY B 136 5.43 5.49 0.41
CA GLY B 136 5.45 4.25 -0.37
C GLY B 136 6.86 3.67 -0.38
N THR B 137 6.92 2.39 -0.73
CA THR B 137 8.18 1.70 -0.90
C THR B 137 7.93 0.51 -1.83
N GLY B 138 9.00 -0.03 -2.41
CA GLY B 138 8.73 -1.12 -3.38
C GLY B 138 8.50 -2.46 -2.69
N LEU B 139 9.19 -2.72 -1.57
CA LEU B 139 9.17 -4.07 -0.99
C LEU B 139 9.03 -4.08 0.54
N GLY B 140 9.78 -3.24 1.24
CA GLY B 140 9.79 -3.26 2.73
C GLY B 140 11.10 -3.74 3.29
N GLY B 141 11.09 -4.25 4.51
CA GLY B 141 12.37 -4.56 5.15
C GLY B 141 12.74 -5.98 4.79
N ALA B 142 12.94 -6.22 3.49
CA ALA B 142 13.11 -7.60 3.02
C ALA B 142 14.43 -8.24 3.45
N GLU B 143 15.45 -7.42 3.78
CA GLU B 143 16.71 -8.03 4.22
C GLU B 143 16.45 -8.75 5.57
N ARG B 144 15.49 -8.26 6.33
CA ARG B 144 15.18 -8.90 7.62
C ARG B 144 14.41 -10.20 7.41
N ILE B 145 13.74 -10.33 6.27
CA ILE B 145 13.18 -11.65 5.95
C ILE B 145 14.28 -12.68 5.76
N VAL B 146 15.27 -12.37 4.91
CA VAL B 146 16.29 -13.38 4.68
C VAL B 146 17.14 -13.57 5.96
N GLU B 147 17.31 -12.52 6.76
CA GLU B 147 18.05 -12.68 8.03
CA GLU B 147 18.06 -12.68 8.01
C GLU B 147 17.30 -13.63 8.97
N SER B 148 16.00 -13.40 9.10
CA SER B 148 15.21 -14.24 10.00
C SER B 148 15.25 -15.69 9.54
N TYR B 149 15.06 -15.89 8.24
CA TYR B 149 15.06 -17.21 7.59
C TYR B 149 16.37 -17.91 7.91
N ASP B 150 17.50 -17.22 7.71
CA ASP B 150 18.81 -17.85 8.02
C ASP B 150 18.98 -18.18 9.51
N LEU B 151 18.57 -17.23 10.37
CA LEU B 151 18.71 -17.39 11.83
C LEU B 151 17.92 -18.64 12.28
N MET B 152 16.68 -18.72 11.80
CA MET B 152 15.83 -19.84 12.24
C MET B 152 16.43 -21.15 11.67
N ASN B 153 16.80 -21.15 10.37
CA ASN B 153 17.37 -22.38 9.81
C ASN B 153 18.60 -22.88 10.56
N ALA B 154 19.44 -21.97 11.04
CA ALA B 154 20.65 -22.33 11.80
C ALA B 154 20.37 -22.72 13.25
N GLY B 155 19.40 -22.08 13.89
CA GLY B 155 19.30 -22.06 15.36
C GLY B 155 17.89 -22.26 15.89
N GLY B 156 16.89 -22.37 15.02
CA GLY B 156 15.51 -22.62 15.47
C GLY B 156 14.68 -21.36 15.68
N PRO B 157 13.40 -21.51 16.02
CA PRO B 157 12.50 -20.34 16.04
C PRO B 157 12.87 -19.32 17.10
N ARG B 158 13.55 -19.75 18.17
CA ARG B 158 13.91 -18.82 19.25
CA ARG B 158 13.91 -18.82 19.25
C ARG B 158 15.05 -17.86 18.88
N LYS B 159 15.62 -18.03 17.68
CA LYS B 159 16.64 -17.13 17.17
C LYS B 159 16.08 -16.01 16.32
N VAL B 160 14.77 -16.05 16.07
CA VAL B 160 14.11 -14.96 15.30
C VAL B 160 13.86 -13.79 16.24
N SER B 161 14.22 -12.59 15.80
CA SER B 161 14.03 -11.41 16.64
C SER B 161 12.55 -11.13 16.95
N PRO B 162 12.23 -10.77 18.20
CA PRO B 162 10.88 -10.30 18.53
C PRO B 162 10.49 -9.02 17.79
N LEU B 163 11.45 -8.39 17.10
CA LEU B 163 11.20 -7.17 16.31
C LEU B 163 11.05 -7.52 14.84
N ALA B 164 11.22 -8.81 14.47
CA ALA B 164 11.24 -9.14 13.03
C ALA B 164 9.95 -8.70 12.32
N VAL B 165 8.78 -8.95 12.93
CA VAL B 165 7.52 -8.58 12.26
C VAL B 165 7.47 -7.06 11.98
N GLN B 166 7.81 -6.25 12.98
CA GLN B 166 7.62 -4.82 12.75
C GLN B 166 8.71 -4.27 11.84
N MET B 167 9.88 -4.92 11.78
CA MET B 167 10.91 -4.46 10.82
C MET B 167 10.59 -4.87 9.37
N ILE B 168 9.91 -5.99 9.19
CA ILE B 168 9.64 -6.55 7.84
C ILE B 168 8.43 -5.88 7.18
N MET B 169 7.38 -5.69 7.99
CA MET B 169 6.09 -5.32 7.40
C MET B 169 6.28 -4.07 6.49
N PRO B 170 5.68 -4.07 5.30
CA PRO B 170 6.07 -3.03 4.34
C PRO B 170 5.58 -1.64 4.74
N ASN B 171 4.55 -1.58 5.59
CA ASN B 171 4.09 -0.30 6.19
C ASN B 171 5.03 0.20 7.28
N GLY B 172 6.13 -0.50 7.48
CA GLY B 172 7.09 -0.19 8.60
C GLY B 172 7.74 1.18 8.51
N ALA B 173 8.19 1.64 7.33
CA ALA B 173 8.87 2.92 7.27
C ALA B 173 7.85 4.02 7.52
N ALA B 174 6.67 3.92 6.89
CA ALA B 174 5.63 4.94 7.14
C ALA B 174 5.27 4.97 8.64
N ALA B 175 5.13 3.79 9.24
CA ALA B 175 4.81 3.74 10.68
C ALA B 175 5.90 4.35 11.57
N VAL B 176 7.19 4.12 11.25
CA VAL B 176 8.29 4.77 11.98
C VAL B 176 8.20 6.29 11.88
N ILE B 177 7.94 6.76 10.66
CA ILE B 177 7.84 8.23 10.51
C ILE B 177 6.62 8.76 11.24
N GLY B 178 5.50 8.06 11.18
CA GLY B 178 4.28 8.57 11.82
C GLY B 178 4.46 8.60 13.35
N LEU B 179 5.16 7.62 13.87
CA LEU B 179 5.42 7.55 15.32
C LEU B 179 6.46 8.60 15.75
N GLN B 180 7.44 8.81 14.87
CA GLN B 180 8.49 9.82 15.14
C GLN B 180 7.92 11.25 15.17
N LEU B 181 7.08 11.55 14.20
CA LEU B 181 6.58 12.93 14.03
C LEU B 181 5.21 13.17 14.68
N GLY B 182 4.53 12.11 15.09
CA GLY B 182 3.33 12.27 15.94
C GLY B 182 2.08 12.39 15.05
N ALA B 183 2.01 11.62 13.95
CA ALA B 183 0.85 11.75 13.03
C ALA B 183 -0.31 10.87 13.45
N ARG B 184 -1.50 11.45 13.68
CA ARG B 184 -2.65 10.69 14.18
C ARG B 184 -3.84 10.78 13.24
N ALA B 185 -3.66 11.30 12.02
CA ALA B 185 -4.76 11.38 11.06
C ALA B 185 -4.54 10.39 9.91
N GLY B 186 -3.84 9.30 10.22
CA GLY B 186 -3.62 8.22 9.27
C GLY B 186 -2.18 8.08 8.85
N VAL B 187 -1.72 6.82 8.76
CA VAL B 187 -0.39 6.49 8.21
C VAL B 187 -0.56 5.42 7.14
N MET B 188 -0.30 5.76 5.86
CA MET B 188 -0.66 4.83 4.80
C MET B 188 0.57 4.52 3.98
N THR B 189 0.54 3.33 3.39
CA THR B 189 1.63 2.84 2.54
C THR B 189 0.96 2.22 1.30
N PRO B 190 0.96 2.96 0.19
CA PRO B 190 0.42 2.36 -1.06
C PRO B 190 1.61 1.68 -1.71
N VAL B 191 1.41 0.48 -2.22
CA VAL B 191 2.48 -0.17 -2.97
CA VAL B 191 2.50 -0.12 -2.98
C VAL B 191 2.02 -0.33 -4.41
N SER B 192 2.82 0.17 -5.36
CA SER B 192 2.55 0.02 -6.79
C SER B 192 3.93 0.00 -7.47
N ALA B 193 4.86 -0.73 -6.84
CA ALA B 193 6.17 -0.95 -7.44
C ALA B 193 6.75 0.42 -7.84
N GLN B 194 7.18 0.63 -9.07
CA GLN B 194 7.95 1.84 -9.38
C GLN B 194 7.12 3.13 -9.38
N SER B 195 5.80 3.05 -9.19
CA SER B 195 5.00 4.28 -9.03
C SER B 195 4.66 4.54 -7.57
N SER B 196 5.24 3.79 -6.62
CA SER B 196 4.75 3.92 -5.22
C SER B 196 5.00 5.28 -4.61
N GLY B 197 6.15 5.88 -4.95
CA GLY B 197 6.50 7.14 -4.32
C GLY B 197 5.63 8.31 -4.75
N SER B 198 5.21 8.27 -6.01
CA SER B 198 4.22 9.25 -6.49
C SER B 198 2.80 8.91 -5.96
N GLU B 199 2.47 7.62 -5.91
CA GLU B 199 1.11 7.26 -5.45
C GLU B 199 0.98 7.70 -4.00
N ALA B 200 2.08 7.69 -3.24
CA ALA B 200 1.92 8.12 -1.83
C ALA B 200 1.53 9.60 -1.77
N ILE B 201 2.17 10.42 -2.59
CA ILE B 201 1.84 11.85 -2.59
C ILE B 201 0.42 12.02 -3.09
N ALA B 202 -0.04 11.19 -4.03
CA ALA B 202 -1.43 11.28 -4.47
C ALA B 202 -2.45 11.00 -3.33
N HIS B 203 -2.19 9.95 -2.56
CA HIS B 203 -3.11 9.60 -1.45
C HIS B 203 -3.03 10.61 -0.32
N ALA B 204 -1.85 11.24 -0.12
CA ALA B 204 -1.74 12.32 0.86
C ALA B 204 -2.63 13.51 0.42
N TRP B 205 -2.60 13.87 -0.87
CA TRP B 205 -3.42 14.98 -1.34
C TRP B 205 -4.88 14.59 -1.16
N ARG B 206 -5.24 13.34 -1.46
CA ARG B 206 -6.65 12.92 -1.22
C ARG B 206 -7.06 13.03 0.24
N GLN B 207 -6.17 12.59 1.15
CA GLN B 207 -6.51 12.63 2.60
C GLN B 207 -6.79 14.09 2.98
N ILE B 208 -6.05 15.05 2.41
CA ILE B 208 -6.28 16.46 2.79
C ILE B 208 -7.55 16.97 2.13
N VAL B 209 -7.70 16.75 0.82
CA VAL B 209 -8.84 17.39 0.17
C VAL B 209 -10.17 16.74 0.57
N MET B 210 -10.16 15.48 1.04
CA MET B 210 -11.35 14.83 1.59
CA MET B 210 -11.38 14.87 1.56
C MET B 210 -11.65 15.28 3.03
N GLY B 211 -10.73 16.05 3.61
CA GLY B 211 -10.98 16.63 4.95
C GLY B 211 -10.48 15.81 6.12
N ASP B 212 -9.77 14.73 5.86
CA ASP B 212 -9.22 13.93 6.94
C ASP B 212 -7.95 14.51 7.59
N ALA B 213 -7.27 15.43 6.91
CA ALA B 213 -5.99 15.94 7.45
C ALA B 213 -5.77 17.35 6.91
N ASP B 214 -5.01 18.17 7.63
CA ASP B 214 -4.63 19.47 7.07
C ASP B 214 -3.16 19.53 6.64
N VAL B 215 -2.37 18.54 7.05
CA VAL B 215 -0.95 18.54 6.77
C VAL B 215 -0.49 17.09 6.65
N ALA B 216 0.45 16.83 5.76
CA ALA B 216 0.90 15.44 5.57
C ALA B 216 2.35 15.42 5.18
N VAL B 217 3.08 14.43 5.73
CA VAL B 217 4.43 14.15 5.22
C VAL B 217 4.21 13.02 4.23
N CYS B 218 4.81 13.12 3.05
CA CYS B 218 4.61 12.00 2.10
C CYS B 218 5.80 11.85 1.15
N GLY B 219 5.95 10.65 0.63
CA GLY B 219 6.96 10.42 -0.43
C GLY B 219 7.26 8.94 -0.39
N GLY B 220 8.55 8.63 -0.50
CA GLY B 220 8.89 7.24 -0.80
C GLY B 220 10.30 6.92 -0.28
N VAL B 221 10.52 5.67 0.09
CA VAL B 221 11.88 5.26 0.49
C VAL B 221 12.18 3.93 -0.23
N GLU B 222 13.45 3.49 -0.25
CA GLU B 222 13.77 2.28 -0.96
C GLU B 222 15.12 1.75 -0.46
N GLY B 223 15.35 0.46 -0.60
CA GLY B 223 16.64 -0.12 -0.22
C GLY B 223 17.78 0.19 -1.17
N PRO B 224 19.02 -0.22 -0.78
CA PRO B 224 20.22 0.11 -1.55
C PRO B 224 20.43 -0.92 -2.64
N ILE B 225 21.35 -0.59 -3.55
CA ILE B 225 21.75 -1.53 -4.56
C ILE B 225 22.43 -2.74 -3.90
N GLU B 226 21.91 -3.92 -4.23
CA GLU B 226 22.51 -5.18 -3.74
C GLU B 226 22.44 -6.26 -4.84
N ALA B 227 23.09 -7.38 -4.60
CA ALA B 227 23.31 -8.33 -5.66
C ALA B 227 22.01 -8.97 -6.08
N LEU B 228 21.22 -9.39 -5.10
CA LEU B 228 19.98 -10.10 -5.41
C LEU B 228 18.96 -9.24 -6.20
N PRO B 229 18.78 -7.97 -5.84
CA PRO B 229 17.94 -7.10 -6.68
C PRO B 229 18.50 -6.99 -8.12
N ILE B 230 19.79 -6.83 -8.28
CA ILE B 230 20.39 -6.77 -9.62
C ILE B 230 20.11 -8.03 -10.40
N ALA B 231 20.25 -9.16 -9.70
CA ALA B 231 20.09 -10.43 -10.37
C ALA B 231 18.67 -10.59 -10.88
N ALA B 232 17.69 -10.21 -10.02
CA ALA B 232 16.29 -10.36 -10.42
C ALA B 232 15.94 -9.45 -11.58
N PHE B 233 16.30 -8.15 -11.50
CA PHE B 233 15.91 -7.32 -12.65
C PHE B 233 16.76 -7.63 -13.86
N SER B 234 18.00 -8.09 -13.71
CA SER B 234 18.75 -8.37 -14.93
CA SER B 234 18.82 -8.45 -14.87
C SER B 234 18.28 -9.67 -15.62
N MET B 235 17.64 -10.57 -14.87
CA MET B 235 17.00 -11.72 -15.53
C MET B 235 15.75 -11.33 -16.33
N MET B 236 15.19 -10.15 -16.07
CA MET B 236 14.13 -9.62 -16.94
C MET B 236 14.65 -8.97 -18.22
N ARG B 237 15.97 -8.80 -18.31
CA ARG B 237 16.64 -8.14 -19.45
C ARG B 237 16.19 -6.66 -19.45
N ALA B 238 16.02 -6.11 -18.25
CA ALA B 238 15.45 -4.78 -18.09
C ALA B 238 16.55 -3.69 -17.94
N MET B 239 17.80 -4.12 -17.74
CA MET B 239 18.83 -3.20 -17.18
C MET B 239 19.88 -2.85 -18.22
N SER B 240 20.36 -1.61 -18.13
CA SER B 240 21.52 -1.27 -18.97
C SER B 240 22.77 -2.07 -18.59
N THR B 241 23.54 -2.51 -19.60
CA THR B 241 24.83 -3.15 -19.30
C THR B 241 25.99 -2.38 -19.90
N ARG B 242 25.85 -1.05 -20.00
CA ARG B 242 26.93 -0.22 -20.55
C ARG B 242 27.99 0.06 -19.50
N ASN B 243 28.70 -0.99 -19.08
CA ASN B 243 29.57 -0.90 -17.90
C ASN B 243 30.81 -0.03 -18.09
N ASP B 244 31.26 0.16 -19.34
CA ASP B 244 32.54 0.82 -19.55
CA ASP B 244 32.52 0.83 -19.63
C ASP B 244 32.38 2.34 -19.50
N GLU B 245 31.13 2.83 -19.62
CA GLU B 245 30.90 4.26 -19.49
C GLU B 245 29.68 4.57 -18.60
N PRO B 246 29.84 4.46 -17.28
CA PRO B 246 28.69 4.40 -16.37
C PRO B 246 27.82 5.65 -16.45
N GLU B 247 28.43 6.83 -16.57
CA GLU B 247 27.63 8.07 -16.64
CA GLU B 247 27.67 8.08 -16.67
C GLU B 247 26.85 8.19 -17.96
N ARG B 248 27.22 7.41 -18.98
CA ARG B 248 26.54 7.43 -20.28
C ARG B 248 25.45 6.34 -20.41
N ALA B 249 25.25 5.51 -19.38
CA ALA B 249 24.45 4.30 -19.53
C ALA B 249 22.93 4.58 -19.52
N SER B 250 22.48 5.50 -18.66
CA SER B 250 21.03 5.74 -18.50
C SER B 250 20.62 6.78 -19.57
N ARG B 251 19.92 6.36 -20.63
CA ARG B 251 19.67 7.25 -21.79
C ARG B 251 18.18 7.41 -22.13
N PRO B 252 17.36 7.89 -21.19
CA PRO B 252 15.93 7.93 -21.49
C PRO B 252 15.66 8.74 -22.72
N PHE B 253 14.75 8.21 -23.53
CA PHE B 253 14.31 8.79 -24.81
C PHE B 253 15.36 8.83 -25.92
N ASP B 254 16.55 8.37 -25.62
CA ASP B 254 17.60 8.35 -26.64
C ASP B 254 17.45 7.10 -27.52
N LYS B 255 17.85 7.20 -28.79
CA LYS B 255 17.76 6.08 -29.68
C LYS B 255 18.55 4.87 -29.20
N ASP B 256 19.68 5.07 -28.51
CA ASP B 256 20.60 3.98 -28.20
C ASP B 256 20.41 3.48 -26.75
N ARG B 257 19.26 3.73 -26.15
CA ARG B 257 19.07 3.29 -24.76
C ARG B 257 19.03 1.77 -24.71
N ASP B 258 19.36 1.22 -23.55
CA ASP B 258 19.43 -0.23 -23.39
C ASP B 258 19.05 -0.64 -22.00
N GLY B 259 18.08 0.07 -21.42
CA GLY B 259 17.50 -0.35 -20.14
C GLY B 259 17.81 0.62 -19.00
N PHE B 260 17.27 0.32 -17.82
CA PHE B 260 17.38 1.30 -16.72
C PHE B 260 18.68 1.05 -15.89
N VAL B 261 19.05 2.05 -15.09
CA VAL B 261 20.19 1.95 -14.19
C VAL B 261 19.70 2.25 -12.78
N PHE B 262 20.09 1.43 -11.81
CA PHE B 262 19.74 1.73 -10.42
C PHE B 262 20.47 3.00 -9.94
N GLY B 263 19.73 3.88 -9.25
CA GLY B 263 20.32 5.04 -8.53
C GLY B 263 19.54 5.14 -7.23
N GLU B 264 20.26 5.01 -6.12
CA GLU B 264 19.60 5.05 -4.81
C GLU B 264 19.01 6.41 -4.46
N ALA B 265 17.91 6.38 -3.70
CA ALA B 265 17.34 7.68 -3.26
C ALA B 265 16.33 7.39 -2.16
N GLY B 266 15.98 8.48 -1.45
CA GLY B 266 14.72 8.49 -0.68
C GLY B 266 14.28 9.95 -0.73
N ALA B 267 12.98 10.22 -0.66
CA ALA B 267 12.54 11.61 -0.70
C ALA B 267 11.21 11.79 0.03
N LEU B 268 11.05 12.93 0.69
CA LEU B 268 9.78 13.25 1.35
C LEU B 268 9.46 14.71 1.09
N MET B 269 8.16 15.03 1.11
CA MET B 269 7.83 16.46 1.12
C MET B 269 6.80 16.64 2.21
N LEU B 270 6.66 17.88 2.66
CA LEU B 270 5.57 18.29 3.56
C LEU B 270 4.53 19.03 2.68
N ILE B 271 3.27 18.60 2.74
CA ILE B 271 2.21 19.36 2.11
C ILE B 271 1.17 19.75 3.12
N GLU B 272 0.46 20.84 2.84
CA GLU B 272 -0.54 21.23 3.82
C GLU B 272 -1.51 22.19 3.17
N THR B 273 -2.69 22.39 3.77
CA THR B 273 -3.57 23.38 3.17
C THR B 273 -2.92 24.75 3.18
N GLU B 274 -3.24 25.51 2.13
CA GLU B 274 -2.74 26.87 2.06
C GLU B 274 -3.05 27.65 3.33
N GLU B 275 -4.24 27.48 3.89
CA GLU B 275 -4.64 28.19 5.11
C GLU B 275 -3.68 27.79 6.26
N HIS B 276 -3.42 26.49 6.37
CA HIS B 276 -2.58 25.99 7.47
C HIS B 276 -1.19 26.54 7.31
N ALA B 277 -0.70 26.57 6.07
CA ALA B 277 0.65 27.13 5.84
C ALA B 277 0.69 28.62 6.22
N LYS B 278 -0.34 29.35 5.84
CA LYS B 278 -0.33 30.79 6.04
C LYS B 278 -0.42 31.08 7.53
N ALA B 279 -1.21 30.30 8.28
CA ALA B 279 -1.37 30.56 9.71
C ALA B 279 -0.08 30.37 10.51
N ARG B 280 0.79 29.51 10.01
CA ARG B 280 2.07 29.28 10.69
C ARG B 280 3.25 29.97 10.02
N GLY B 281 3.02 30.77 8.97
CA GLY B 281 4.11 31.53 8.36
C GLY B 281 5.06 30.73 7.46
N ALA B 282 4.60 29.61 6.92
CA ALA B 282 5.45 28.77 6.03
C ALA B 282 5.50 29.43 4.64
N LYS B 283 6.65 29.44 3.95
CA LYS B 283 6.74 29.92 2.57
CA LYS B 283 6.64 29.90 2.55
C LYS B 283 6.58 28.72 1.62
N PRO B 284 5.48 28.66 0.86
CA PRO B 284 5.30 27.52 -0.03
C PRO B 284 6.34 27.50 -1.13
N LEU B 285 6.67 26.29 -1.60
CA LEU B 285 7.58 26.14 -2.73
C LEU B 285 6.77 25.99 -4.03
N ALA B 286 5.54 25.46 -3.93
CA ALA B 286 4.73 25.17 -5.13
C ALA B 286 3.37 24.76 -4.60
N ARG B 287 2.46 24.50 -5.53
CA ARG B 287 1.12 23.98 -5.23
C ARG B 287 1.00 22.54 -5.72
N LEU B 288 0.32 21.67 -4.96
CA LEU B 288 -0.04 20.36 -5.46
C LEU B 288 -1.55 20.37 -5.77
N LEU B 289 -1.87 20.32 -7.06
CA LEU B 289 -3.22 20.71 -7.55
C LEU B 289 -4.15 19.53 -7.78
N GLY B 290 -3.60 18.36 -8.14
CA GLY B 290 -4.47 17.20 -8.37
C GLY B 290 -3.66 15.95 -8.72
N ALA B 291 -4.32 14.81 -8.76
CA ALA B 291 -3.56 13.55 -8.90
C ALA B 291 -4.42 12.59 -9.70
N GLY B 292 -3.86 11.76 -10.58
CA GLY B 292 -4.74 10.80 -11.30
C GLY B 292 -4.08 9.46 -11.08
N ILE B 293 -4.92 8.45 -10.86
CA ILE B 293 -4.40 7.08 -10.73
C ILE B 293 -5.26 6.21 -11.62
N THR B 294 -4.62 5.54 -12.59
CA THR B 294 -5.36 4.59 -13.43
C THR B 294 -4.57 3.30 -13.53
N SER B 295 -5.03 2.37 -14.35
CA SER B 295 -4.31 1.13 -14.53
C SER B 295 -4.45 0.67 -15.97
N ASP B 296 -3.51 -0.15 -16.43
CA ASP B 296 -3.55 -0.55 -17.86
C ASP B 296 -4.44 -1.75 -18.21
N ALA B 297 -4.50 -2.72 -17.27
CA ALA B 297 -4.92 -4.10 -17.56
C ALA B 297 -4.38 -4.60 -18.92
N PHE B 298 -3.05 -4.63 -19.01
CA PHE B 298 -2.38 -4.97 -20.28
C PHE B 298 -1.37 -6.09 -20.05
N HIS B 299 -0.46 -5.89 -19.10
CA HIS B 299 0.62 -6.86 -18.88
C HIS B 299 1.17 -6.66 -17.46
N MET B 300 1.83 -7.67 -16.91
CA MET B 300 2.23 -7.64 -15.50
C MET B 300 3.46 -6.76 -15.34
N VAL B 301 4.27 -6.64 -16.39
CA VAL B 301 5.46 -5.78 -16.24
C VAL B 301 5.68 -4.77 -17.36
N ALA B 302 5.12 -5.00 -18.54
CA ALA B 302 5.28 -4.05 -19.66
C ALA B 302 4.13 -3.04 -19.62
N PRO B 303 4.41 -1.76 -19.85
CA PRO B 303 3.34 -0.76 -19.94
C PRO B 303 2.64 -0.91 -21.28
N ALA B 304 1.34 -0.55 -21.32
CA ALA B 304 0.63 -0.63 -22.59
C ALA B 304 1.25 0.28 -23.65
N ALA B 305 1.44 -0.26 -24.85
CA ALA B 305 2.16 0.48 -25.90
C ALA B 305 1.39 1.75 -26.29
N ASP B 306 0.06 1.66 -26.21
CA ASP B 306 -0.76 2.77 -26.72
C ASP B 306 -0.78 4.00 -25.78
N GLY B 307 -0.30 3.87 -24.53
CA GLY B 307 -0.22 5.00 -23.60
C GLY B 307 -1.59 5.53 -23.21
N VAL B 308 -2.68 4.81 -23.51
CA VAL B 308 -4.01 5.43 -23.37
C VAL B 308 -4.38 5.58 -21.89
N ARG B 309 -4.23 4.51 -21.11
CA ARG B 309 -4.64 4.69 -19.71
C ARG B 309 -3.61 5.50 -18.93
N ALA B 310 -2.33 5.45 -19.33
CA ALA B 310 -1.32 6.29 -18.68
C ALA B 310 -1.64 7.75 -19.02
N GLY B 311 -2.00 8.01 -20.27
CA GLY B 311 -2.46 9.38 -20.63
C GLY B 311 -3.70 9.83 -19.85
N ARG B 312 -4.61 8.91 -19.54
CA ARG B 312 -5.80 9.22 -18.77
C ARG B 312 -5.44 9.59 -17.32
N ALA B 313 -4.38 9.02 -16.76
CA ALA B 313 -3.89 9.39 -15.41
C ALA B 313 -3.45 10.85 -15.47
N MET B 314 -2.73 11.26 -16.52
CA MET B 314 -2.38 12.68 -16.65
C MET B 314 -3.63 13.55 -16.81
N THR B 315 -4.57 13.13 -17.65
CA THR B 315 -5.77 13.93 -17.89
CA THR B 315 -5.71 14.00 -17.86
C THR B 315 -6.57 14.07 -16.59
N ARG B 316 -6.72 12.98 -15.84
CA ARG B 316 -7.46 13.03 -14.60
C ARG B 316 -6.81 14.03 -13.62
N SER B 317 -5.48 14.08 -13.55
CA SER B 317 -4.82 15.05 -12.64
C SER B 317 -5.21 16.45 -13.11
N LEU B 318 -5.32 16.67 -14.42
CA LEU B 318 -5.71 18.00 -14.93
C LEU B 318 -7.17 18.32 -14.56
N GLU B 319 -8.06 17.35 -14.75
CA GLU B 319 -9.47 17.58 -14.39
C GLU B 319 -9.60 18.02 -12.93
N LEU B 320 -8.89 17.33 -12.04
CA LEU B 320 -9.01 17.61 -10.60
C LEU B 320 -8.34 18.95 -10.24
N ALA B 321 -7.24 19.28 -10.92
CA ALA B 321 -6.61 20.60 -10.76
C ALA B 321 -7.48 21.72 -11.34
N GLY B 322 -8.27 21.43 -12.38
CA GLY B 322 -8.96 22.48 -13.15
C GLY B 322 -8.08 23.09 -14.24
N LEU B 323 -7.22 22.30 -14.88
CA LEU B 323 -6.32 22.78 -15.91
C LEU B 323 -6.67 22.16 -17.26
N SER B 324 -6.23 22.83 -18.32
CA SER B 324 -6.22 22.24 -19.66
CA SER B 324 -6.22 22.25 -19.66
C SER B 324 -4.82 21.76 -20.05
N PRO B 325 -4.76 20.83 -21.02
CA PRO B 325 -3.44 20.34 -21.43
C PRO B 325 -2.51 21.46 -21.92
N ALA B 326 -3.06 22.50 -22.54
CA ALA B 326 -2.21 23.61 -22.99
C ALA B 326 -1.54 24.33 -21.83
N ASP B 327 -2.16 24.23 -20.65
CA ASP B 327 -1.59 24.87 -19.46
C ASP B 327 -0.27 24.23 -19.01
N ILE B 328 -0.01 22.99 -19.42
CA ILE B 328 1.11 22.24 -18.87
C ILE B 328 2.40 22.62 -19.61
N ASP B 329 3.26 23.35 -18.92
CA ASP B 329 4.52 23.81 -19.53
C ASP B 329 5.62 22.76 -19.42
N HIS B 330 5.49 21.80 -18.50
CA HIS B 330 6.62 20.90 -18.19
C HIS B 330 6.07 19.53 -17.82
N VAL B 331 6.72 18.46 -18.33
CA VAL B 331 6.40 17.11 -17.83
C VAL B 331 7.70 16.51 -17.33
N ASN B 332 7.66 16.01 -16.08
CA ASN B 332 8.82 15.33 -15.53
C ASN B 332 8.50 13.86 -15.79
N ALA B 333 9.19 13.32 -16.79
CA ALA B 333 8.86 11.97 -17.29
C ALA B 333 9.28 10.85 -16.37
N HIS B 334 8.57 9.73 -16.42
CA HIS B 334 9.04 8.55 -15.70
C HIS B 334 10.33 8.06 -16.36
N GLY B 335 10.35 8.12 -17.69
CA GLY B 335 11.62 7.98 -18.46
C GLY B 335 12.70 7.03 -17.93
N THR B 336 12.45 5.72 -17.90
CA THR B 336 13.45 4.82 -17.30
C THR B 336 14.56 4.42 -18.24
N ALA B 337 14.42 4.71 -19.55
CA ALA B 337 15.45 4.35 -20.57
C ALA B 337 15.35 2.89 -21.03
N THR B 338 14.25 2.22 -20.69
CA THR B 338 13.95 1.00 -21.45
C THR B 338 13.38 1.30 -22.85
N PRO B 339 13.72 0.49 -23.86
CA PRO B 339 13.10 0.69 -25.17
C PRO B 339 11.55 0.73 -25.13
N ILE B 340 10.94 -0.21 -24.41
CA ILE B 340 9.48 -0.31 -24.36
CA ILE B 340 9.48 -0.29 -24.39
C ILE B 340 8.83 0.81 -23.55
N GLY B 341 9.41 1.13 -22.41
CA GLY B 341 8.77 2.03 -21.44
C GLY B 341 8.73 3.42 -22.04
N ASP B 342 9.86 3.87 -22.61
CA ASP B 342 9.95 5.27 -23.01
C ASP B 342 8.96 5.46 -24.18
N ALA B 343 8.87 4.47 -25.09
CA ALA B 343 7.95 4.58 -26.24
C ALA B 343 6.50 4.68 -25.79
N ALA B 344 6.16 3.89 -24.76
CA ALA B 344 4.76 3.95 -24.24
C ALA B 344 4.47 5.31 -23.60
N GLU B 345 5.44 5.82 -22.85
CA GLU B 345 5.20 7.09 -22.15
C GLU B 345 5.07 8.23 -23.18
N ALA B 346 5.87 8.19 -24.27
CA ALA B 346 5.72 9.24 -25.28
C ALA B 346 4.32 9.24 -25.86
N ASN B 347 3.80 8.02 -26.10
CA ASN B 347 2.43 7.89 -26.58
C ASN B 347 1.45 8.47 -25.52
N ALA B 348 1.68 8.14 -24.26
CA ALA B 348 0.79 8.61 -23.20
C ALA B 348 0.75 10.17 -23.14
N ILE B 349 1.91 10.78 -23.27
CA ILE B 349 1.99 12.28 -23.21
C ILE B 349 1.25 12.85 -24.41
N ARG B 350 1.36 12.19 -25.56
CA ARG B 350 0.52 12.62 -26.69
C ARG B 350 -0.97 12.43 -26.44
N VAL B 351 -1.39 11.28 -25.90
CA VAL B 351 -2.81 11.03 -25.58
C VAL B 351 -3.38 12.13 -24.68
N ALA B 352 -2.55 12.60 -23.73
CA ALA B 352 -3.01 13.60 -22.79
C ALA B 352 -3.01 15.02 -23.39
N GLY B 353 -2.42 15.18 -24.58
CA GLY B 353 -2.37 16.51 -25.22
C GLY B 353 -1.24 17.36 -24.66
N CYS B 354 -0.25 16.71 -24.03
CA CYS B 354 0.82 17.43 -23.32
C CYS B 354 2.16 17.34 -24.05
N ASP B 355 2.17 16.97 -25.34
CA ASP B 355 3.47 16.70 -25.98
C ASP B 355 4.14 17.99 -26.51
N GLN B 356 3.55 19.15 -26.25
CA GLN B 356 4.27 20.41 -26.45
CA GLN B 356 4.32 20.38 -26.46
C GLN B 356 4.88 20.93 -25.15
N ALA B 357 4.76 20.14 -24.05
CA ALA B 357 5.49 20.50 -22.79
C ALA B 357 7.01 20.28 -22.95
N ALA B 358 7.82 21.01 -22.19
CA ALA B 358 9.27 20.73 -22.13
C ALA B 358 9.43 19.51 -21.21
N VAL B 359 10.14 18.45 -21.66
CA VAL B 359 10.25 17.19 -20.90
C VAL B 359 11.63 16.98 -20.27
N TYR B 360 11.66 16.51 -19.01
CA TYR B 360 12.92 16.20 -18.34
C TYR B 360 12.78 14.72 -17.96
N ALA B 361 13.85 13.93 -18.16
CA ALA B 361 13.91 12.57 -17.61
C ALA B 361 15.05 12.46 -16.57
N PRO B 362 14.78 12.74 -15.28
CA PRO B 362 15.84 12.78 -14.27
C PRO B 362 16.57 11.45 -14.04
N LYS B 363 15.95 10.31 -14.41
CA LYS B 363 16.71 9.06 -14.25
C LYS B 363 17.97 9.02 -15.11
N SER B 364 18.05 9.88 -16.12
CA SER B 364 19.29 10.03 -16.90
C SER B 364 20.50 10.37 -16.02
N ALA B 365 20.26 11.06 -14.90
CA ALA B 365 21.35 11.50 -14.02
C ALA B 365 21.29 10.80 -12.67
N LEU B 366 20.08 10.52 -12.18
CA LEU B 366 19.93 9.95 -10.80
C LEU B 366 19.64 8.44 -10.79
N GLY B 367 19.39 7.87 -11.96
CA GLY B 367 19.04 6.44 -11.99
C GLY B 367 17.64 6.21 -11.38
N HIS B 368 17.33 4.94 -11.15
CA HIS B 368 15.98 4.49 -10.85
C HIS B 368 16.02 4.00 -9.40
N SER B 369 15.22 4.60 -8.52
CA SER B 369 15.13 4.18 -7.12
C SER B 369 13.78 3.54 -6.78
N ILE B 370 13.15 2.96 -7.82
CA ILE B 370 12.07 2.00 -7.61
C ILE B 370 10.98 2.64 -6.73
N GLY B 371 10.74 2.17 -5.51
CA GLY B 371 9.62 2.72 -4.74
C GLY B 371 9.78 4.14 -4.31
N ALA B 372 11.02 4.64 -4.28
CA ALA B 372 11.25 6.05 -3.90
C ALA B 372 11.12 7.03 -5.07
N VAL B 373 11.27 6.51 -6.29
CA VAL B 373 11.66 7.43 -7.37
C VAL B 373 10.58 8.43 -7.73
N GLY B 374 9.32 8.03 -7.65
CA GLY B 374 8.24 8.98 -7.98
C GLY B 374 8.24 10.17 -7.02
N ALA B 375 8.57 9.90 -5.76
CA ALA B 375 8.62 10.96 -4.75
C ALA B 375 9.81 11.88 -5.03
N LEU B 376 10.97 11.31 -5.34
CA LEU B 376 12.14 12.15 -5.69
C LEU B 376 11.81 13.03 -6.90
N GLU B 377 11.17 12.45 -7.93
CA GLU B 377 10.88 13.23 -9.14
C GLU B 377 9.78 14.24 -8.91
N SER B 378 8.91 13.95 -7.95
CA SER B 378 7.93 14.98 -7.52
C SER B 378 8.61 16.18 -6.88
N VAL B 379 9.58 15.89 -6.01
CA VAL B 379 10.43 16.97 -5.43
C VAL B 379 11.13 17.76 -6.54
N LEU B 380 11.67 17.08 -7.54
CA LEU B 380 12.35 17.82 -8.60
C LEU B 380 11.35 18.69 -9.39
N THR B 381 10.11 18.20 -9.54
CA THR B 381 9.10 18.97 -10.31
C THR B 381 8.79 20.26 -9.55
N VAL B 382 8.69 20.12 -8.23
CA VAL B 382 8.45 21.29 -7.35
C VAL B 382 9.60 22.28 -7.53
N LEU B 383 10.82 21.79 -7.55
CA LEU B 383 11.97 22.72 -7.66
C LEU B 383 12.00 23.40 -9.04
N THR B 384 11.67 22.65 -10.09
CA THR B 384 11.60 23.26 -11.43
C THR B 384 10.59 24.44 -11.40
N LEU B 385 9.46 24.25 -10.72
CA LEU B 385 8.47 25.33 -10.65
C LEU B 385 8.96 26.49 -9.79
N ARG B 386 9.56 26.15 -8.67
CA ARG B 386 10.07 27.20 -7.76
C ARG B 386 11.11 28.06 -8.47
N ASP B 387 12.02 27.42 -9.23
CA ASP B 387 13.24 28.08 -9.72
C ASP B 387 13.17 28.50 -11.20
N GLY B 388 12.13 28.08 -11.93
CA GLY B 388 11.92 28.43 -13.37
C GLY B 388 13.00 27.79 -14.24
N VAL B 389 13.39 26.55 -13.94
CA VAL B 389 14.48 25.92 -14.73
C VAL B 389 14.36 24.40 -14.70
N ILE B 390 14.58 23.79 -15.87
CA ILE B 390 14.68 22.34 -16.03
C ILE B 390 16.12 21.96 -16.31
N PRO B 391 16.67 20.98 -15.56
CA PRO B 391 18.02 20.49 -15.86
C PRO B 391 18.05 19.75 -17.22
N PRO B 392 19.24 19.65 -17.81
CA PRO B 392 19.33 18.86 -19.03
C PRO B 392 19.11 17.37 -18.77
N THR B 393 18.43 16.70 -19.69
CA THR B 393 18.34 15.23 -19.63
C THR B 393 19.72 14.73 -20.12
N LEU B 394 20.44 14.01 -19.27
CA LEU B 394 21.78 13.55 -19.71
C LEU B 394 21.66 12.46 -20.77
N ASN B 395 22.67 12.41 -21.64
CA ASN B 395 22.84 11.30 -22.61
C ASN B 395 21.85 11.36 -23.77
N TYR B 396 21.11 12.46 -23.85
CA TYR B 396 20.14 12.56 -24.93
C TYR B 396 20.90 13.11 -26.14
N GLU B 397 21.23 12.22 -27.06
CA GLU B 397 22.18 12.56 -28.13
C GLU B 397 21.61 12.27 -29.50
N THR B 398 20.81 11.23 -29.61
CA THR B 398 20.19 10.82 -30.87
C THR B 398 18.67 10.69 -30.69
N PRO B 399 17.91 11.68 -31.16
CA PRO B 399 16.46 11.57 -31.07
C PRO B 399 15.91 10.30 -31.74
N ASP B 400 14.87 9.77 -31.13
CA ASP B 400 14.23 8.57 -31.62
C ASP B 400 12.92 9.05 -32.27
N PRO B 401 12.64 8.69 -33.55
CA PRO B 401 11.39 9.18 -34.19
C PRO B 401 10.07 8.66 -33.60
N GLU B 402 10.09 7.53 -32.90
CA GLU B 402 8.85 7.12 -32.25
CA GLU B 402 8.93 7.02 -32.15
C GLU B 402 8.61 7.90 -30.96
N ILE B 403 9.58 8.74 -30.55
CA ILE B 403 9.40 9.44 -29.29
C ILE B 403 8.79 10.85 -29.59
N ASP B 404 9.44 11.65 -30.42
CA ASP B 404 8.87 12.96 -30.80
C ASP B 404 8.39 13.83 -29.62
N LEU B 405 9.28 14.07 -28.66
CA LEU B 405 8.94 14.91 -27.48
C LEU B 405 9.94 16.07 -27.47
N ASP B 406 9.62 17.14 -26.76
CA ASP B 406 10.61 18.18 -26.54
C ASP B 406 11.49 17.87 -25.32
N VAL B 407 12.54 17.09 -25.51
CA VAL B 407 13.37 16.65 -24.37
C VAL B 407 14.44 17.73 -24.10
N VAL B 408 14.45 18.26 -22.88
CA VAL B 408 15.43 19.28 -22.54
C VAL B 408 16.79 18.61 -22.50
N ALA B 409 17.79 19.18 -23.15
CA ALA B 409 19.10 18.56 -23.20
C ALA B 409 20.18 19.59 -23.45
N GLY B 410 21.41 19.23 -23.08
CA GLY B 410 22.56 20.10 -23.35
C GLY B 410 22.76 21.09 -22.21
N GLU B 411 22.00 22.17 -22.10
CA GLU B 411 22.09 23.13 -21.01
C GLU B 411 20.72 23.10 -20.32
N PRO B 412 20.62 23.61 -19.10
CA PRO B 412 19.26 23.74 -18.53
C PRO B 412 18.39 24.62 -19.41
N ARG B 413 17.10 24.42 -19.30
CA ARG B 413 16.14 25.25 -20.02
C ARG B 413 15.41 26.15 -19.02
N TYR B 414 15.52 27.47 -19.20
CA TYR B 414 14.90 28.40 -18.28
C TYR B 414 13.50 28.83 -18.80
N GLY B 415 12.59 29.15 -17.90
CA GLY B 415 11.29 29.66 -18.33
C GLY B 415 10.43 29.94 -17.14
N ASP B 416 9.37 30.72 -17.33
CA ASP B 416 8.38 30.91 -16.27
C ASP B 416 7.39 29.75 -16.32
N TYR B 417 7.79 28.58 -15.83
CA TYR B 417 6.90 27.42 -15.89
C TYR B 417 5.76 27.58 -14.91
N ARG B 418 4.53 27.46 -15.39
CA ARG B 418 3.35 27.74 -14.56
CA ARG B 418 3.35 27.75 -14.57
C ARG B 418 2.74 26.47 -13.98
N TYR B 419 2.72 25.40 -14.76
CA TYR B 419 2.12 24.13 -14.31
C TYR B 419 2.97 22.99 -14.84
N ALA B 420 3.01 21.90 -14.09
CA ALA B 420 3.81 20.78 -14.57
C ALA B 420 3.12 19.48 -14.16
N VAL B 421 3.37 18.39 -14.87
CA VAL B 421 2.89 17.06 -14.44
C VAL B 421 4.08 16.19 -14.20
N ASN B 422 4.08 15.50 -13.07
CA ASN B 422 5.07 14.43 -12.86
C ASN B 422 4.43 13.08 -13.14
N ASN B 423 5.10 12.26 -13.95
CA ASN B 423 4.60 10.89 -14.29
C ASN B 423 5.36 9.83 -13.53
N SER B 424 4.69 8.72 -13.16
CA SER B 424 5.39 7.53 -12.62
CA SER B 424 5.40 7.56 -12.62
C SER B 424 4.55 6.33 -13.01
N PHE B 425 5.18 5.24 -13.44
CA PHE B 425 4.44 4.02 -13.84
C PHE B 425 5.06 2.84 -13.12
N GLY B 426 4.23 1.86 -12.75
CA GLY B 426 4.79 0.73 -12.00
C GLY B 426 4.45 -0.60 -12.65
N PHE B 427 5.32 -1.59 -12.53
CA PHE B 427 4.98 -2.96 -12.93
C PHE B 427 3.68 -3.36 -12.23
N GLY B 428 2.78 -3.96 -13.01
CA GLY B 428 1.42 -4.31 -12.56
C GLY B 428 0.40 -3.47 -13.29
N GLY B 429 0.87 -2.51 -14.09
CA GLY B 429 0.00 -1.66 -14.95
C GLY B 429 -0.44 -0.35 -14.28
N HIS B 430 0.31 0.09 -13.25
CA HIS B 430 -0.13 1.26 -12.43
C HIS B 430 0.35 2.56 -13.02
N ASN B 431 -0.55 3.50 -13.24
CA ASN B 431 -0.17 4.85 -13.73
C ASN B 431 -0.52 5.94 -12.71
N VAL B 432 0.45 6.77 -12.33
CA VAL B 432 0.15 7.87 -11.40
C VAL B 432 0.65 9.16 -12.02
N ALA B 433 -0.18 10.21 -12.03
CA ALA B 433 0.28 11.51 -12.52
C ALA B 433 -0.07 12.54 -11.45
N LEU B 434 0.85 13.48 -11.20
CA LEU B 434 0.63 14.49 -10.17
C LEU B 434 0.74 15.86 -10.84
N ALA B 435 -0.29 16.71 -10.71
CA ALA B 435 -0.21 18.05 -11.29
C ALA B 435 0.22 19.07 -10.23
N PHE B 436 1.27 19.83 -10.53
CA PHE B 436 1.80 20.85 -9.61
C PHE B 436 1.78 22.22 -10.28
N GLY B 437 1.71 23.28 -9.48
CA GLY B 437 1.78 24.59 -10.08
C GLY B 437 2.68 25.53 -9.29
N ARG B 438 3.10 26.59 -9.97
CA ARG B 438 3.91 27.63 -9.34
CA ARG B 438 3.93 27.60 -9.31
C ARG B 438 3.12 28.24 -8.20
N TYR B 439 3.78 28.52 -7.08
CA TYR B 439 3.20 29.32 -6.03
C TYR B 439 3.61 30.78 -6.31
K K C . -13.83 -6.71 12.60
C M7U D . -3.00 -17.09 8.51
O M7U D . 3.35 -22.63 1.25
P M7U D . 6.26 -27.01 -0.37
C1 M7U D . -1.46 -17.10 8.47
O1 M7U D . 5.54 -23.06 0.93
C2 M7U D . -0.91 -15.74 8.13
O2 M7U D . 7.38 -22.78 3.29
C3 M7U D . 0.58 -15.70 7.98
O3 M7U D . 8.24 -21.53 1.65
C4 M7U D . 1.05 -14.34 7.42
O4 M7U D . 6.14 -25.66 0.48
C5 M7U D . 2.54 -14.15 7.41
O5 M7U D . 7.63 -27.58 -0.09
C6 M7U D . 3.04 -13.41 6.17
O6 M7U D . 5.10 -27.93 0.10
C7 M7U D . 2.78 -14.20 4.89
O7 M7U D . 6.02 -26.60 -1.86
C8 M7U D . 3.96 -14.36 4.00
C9 M7U D . 3.70 -15.23 2.81
C10 M7U D . 3.98 -16.67 3.09
C11 M7U D . 3.93 -17.51 1.84
C12 M7U D . 4.27 -18.97 2.08
C13 M7U D . 3.82 -19.81 0.94
C14 M7U D . 4.81 -20.87 0.53
C15 M7U D . 4.46 -22.26 0.96
C16 M7U D . 5.78 -23.98 2.05
C17 M7U D . 7.23 -23.92 2.43
C18 M7U D . 7.95 -21.67 2.79
C19 M7U D . 8.18 -20.64 3.86
C20 M7U D . 8.17 -19.26 3.25
C21 M7U D . 8.77 -18.20 4.13
C22 M7U D . 8.61 -16.85 3.50
C23 M7U D . 9.05 -15.68 4.34
C24 M7U D . 8.05 -15.33 5.41
C25 M7U D . 8.60 -14.28 6.33
C26 M7U D . 7.78 -14.08 7.56
C27 M7U D . 8.25 -13.00 8.50
C28 M7U D . 9.64 -13.28 9.07
C29 M7U D . 7.25 -12.89 9.61
C30 M7U D . 5.91 -12.34 9.15
C31 M7U D . 5.98 -10.86 8.76
C32 M7U D . 4.62 -10.29 8.63
C33 M7U D . 4.63 -8.82 8.31
C34 M7U D . 3.31 -8.33 7.76
C35 M7U D . 2.12 -8.31 8.68
C36 M7U D . 2.30 -7.64 10.01
C37 M7U D . 5.35 -25.37 1.66
K K E . 8.77 11.56 -13.33
C M7U F . 18.24 1.74 -6.04
O M7U F . 22.15 -3.39 3.01
P M7U F . 26.08 -6.22 5.62
C1 M7U F . 18.29 0.21 -5.69
O1 M7U F . 22.26 -5.54 3.66
C2 M7U F . 16.89 -0.34 -5.48
O2 M7U F . 22.90 -7.78 1.63
C3 M7U F . 16.81 -1.84 -5.14
O3 M7U F . 21.34 -8.36 3.11
C4 M7U F . 15.36 -2.21 -5.07
O4 M7U F . 25.49 -6.07 4.14
C5 M7U F . 15.10 -3.58 -4.58
O5 M7U F . 27.51 -6.73 5.48
C6 M7U F . 13.84 -3.65 -3.75
O6 M7U F . 25.99 -4.81 6.28
C7 M7U F . 14.07 -4.28 -2.39
O7 M7U F . 25.13 -7.21 6.37
C8 M7U F . 15.13 -3.60 -1.56
C9 M7U F . 15.37 -4.24 -0.20
C10 M7U F . 16.83 -4.49 0.03
C11 M7U F . 17.31 -4.09 1.41
C12 M7U F . 18.76 -4.45 1.64
C13 M7U F . 19.37 -3.67 2.77
C14 M7U F . 20.17 -4.49 3.74
C15 M7U F . 21.62 -4.38 3.44
C16 M7U F . 23.48 -5.77 2.88
C17 M7U F . 23.74 -7.26 2.69
C18 M7U F . 21.68 -8.19 1.98
C19 M7U F . 20.82 -8.46 0.80
C20 M7U F . 19.46 -8.98 1.24
C21 M7U F . 18.46 -8.79 0.13
C22 M7U F . 17.02 -8.80 0.59
C23 M7U F . 16.07 -9.46 -0.40
C24 M7U F . 15.78 -8.63 -1.63
C25 M7U F . 14.92 -9.38 -2.63
C26 M7U F . 14.98 -8.78 -4.03
C27 M7U F . 14.06 -9.46 -5.05
C28 M7U F . 14.42 -10.93 -5.29
C29 M7U F . 14.07 -8.72 -6.35
C30 M7U F . 13.46 -7.34 -6.21
C31 M7U F . 11.97 -7.36 -5.92
C32 M7U F . 11.40 -5.99 -6.11
C33 M7U F . 9.87 -5.93 -6.02
C34 M7U F . 9.33 -4.53 -5.81
C35 M7U F . 9.49 -3.50 -6.94
C36 M7U F . 8.98 -3.84 -8.34
C37 M7U F . 24.61 -5.06 3.59
N1 EPE G . 9.94 17.78 -31.58
C2 EPE G . 9.08 18.35 -32.64
C3 EPE G . 7.70 17.69 -32.62
N4 EPE G . 7.06 17.88 -31.31
C5 EPE G . 7.92 17.33 -30.26
C6 EPE G . 9.29 18.01 -30.29
C7 EPE G . 5.73 17.26 -31.26
C8 EPE G . 4.97 17.35 -32.56
O8 EPE G . 3.83 18.18 -32.38
C9 EPE G . 11.26 18.40 -31.60
C10 EPE G . 12.22 17.74 -30.62
S EPE G . 13.75 17.32 -31.45
O1S EPE G . 13.76 15.87 -31.57
O2S EPE G . 13.68 17.99 -32.74
O3S EPE G . 14.83 17.82 -30.62
C1 PEG H . 7.58 16.37 16.70
O1 PEG H . 6.70 15.47 17.40
C2 PEG H . 8.98 16.21 17.25
O2 PEG H . 9.80 15.94 16.12
C3 PEG H . 10.89 15.06 16.34
C4 PEG H . 11.51 14.79 14.97
O4 PEG H . 12.71 14.02 15.09
C1 PEG I . 25.25 23.32 -17.32
O1 PEG I . 26.30 24.03 -18.00
C2 PEG I . 24.95 21.95 -17.93
O2 PEG I . 26.16 21.19 -18.07
C3 PEG I . 26.06 20.08 -18.97
C4 PEG I . 27.36 19.26 -18.99
O4 PEG I . 28.55 20.03 -19.19
NA NA J . 28.41 22.60 -18.55
#